data_8S7N
#
_entry.id   8S7N
#
_cell.length_a   139.019
_cell.length_b   139.019
_cell.length_c   181.059
_cell.angle_alpha   90.00
_cell.angle_beta   90.00
_cell.angle_gamma   90.00
#
_symmetry.space_group_name_H-M   'P 41 21 2'
#
loop_
_entity.id
_entity.type
_entity.pdbx_description
1 polymer Oxidoreductase
2 non-polymer 'FLAVIN-ADENINE DINUCLEOTIDE'
3 non-polymer 'NITRATE ION'
4 non-polymer DI(HYDROXYETHYL)ETHER
5 non-polymer 'PENTAETHYLENE GLYCOL'
6 non-polymer 2-{2-[2-(2-{2-[2-(2-ETHOXY-ETHOXY)-ETHOXY]-ETHOXY}-ETHOXY)-ETHOXY]-ETHOXY}-ETHANOL
7 non-polymer 2-methoxy-4-(prop-2-en-1-yl)phenol
8 water water
#
_entity_poly.entity_id   1
_entity_poly.type   'polypeptide(L)'
_entity_poly.pdbx_seq_one_letter_code
;MAAPLPEGVSAEAMSSALDRFARIVGADWVFTEDKITPYEDPYTISNDETEHRPYAAVAPASTEEVQEIVRVANEFGVPL
WPVSRGKNFAYGGAAPVMSGTVVLDMNRMNRILEVNEEFGYALVEPGVSYFELYDYIQEKGLKLWIDVPDLGWGSVVGNA
LDHGIGYTPYGDHFAMQCGMEVVLPNGEVVRTGMGAMPGNNTWQLFKYGYGPYVDGIFSQSNFGVVTKMGIWLMPEPAGY
RPYLITFENEDDIETVTERLRPLKVAGVIQNGATVRSLVLDAAITRTKSQYYDGDGPIPPSVAKTMMADLDLGMWNFCGA
LYGPPPVMDTLWTAIRDSFADIPGVKFYFPEDRRHKVDLLLHRAETMKGVPKLTEFNFLNWDGGGGHVGFSPVSPITGKD
AIKQYNMVSSRVREYGFDYMGLLAIGWRDLHHVTVIVYDKTDPDERKKLDELFNILVDEAAAEGYGEYRTHIRYMDRIAK
TYSWNDNALWKMHETIKDALDPNGILAPGKSGIWGKNRRKA
;
_entity_poly.pdbx_strand_id   A,B
#
loop_
_chem_comp.id
_chem_comp.type
_chem_comp.name
_chem_comp.formula
1PE non-polymer 'PENTAETHYLENE GLYCOL' 'C10 H22 O6'
EOL non-polymer 2-methoxy-4-(prop-2-en-1-yl)phenol 'C10 H12 O2'
FAD non-polymer 'FLAVIN-ADENINE DINUCLEOTIDE' 'C27 H33 N9 O15 P2'
NO3 non-polymer 'NITRATE ION' 'N O3 -1'
PE4 non-polymer 2-{2-[2-(2-{2-[2-(2-ETHOXY-ETHOXY)-ETHOXY]-ETHOXY}-ETHOXY)-ETHOXY]-ETHOXY}-ETHANOL 'C16 H34 O8'
PEG non-polymer DI(HYDROXYETHYL)ETHER 'C4 H10 O3'
#
# COMPACT_ATOMS: atom_id res chain seq x y z
N MET A 1 30.02 -1.65 32.26
CA MET A 1 30.29 -0.34 31.59
C MET A 1 30.17 -0.58 30.08
N ALA A 2 31.19 -1.14 29.43
CA ALA A 2 31.26 -1.26 27.95
C ALA A 2 30.30 -2.38 27.45
N ALA A 3 29.75 -2.22 26.25
CA ALA A 3 28.90 -3.26 25.63
C ALA A 3 29.67 -4.58 25.55
N PRO A 4 28.99 -5.73 25.73
CA PRO A 4 29.60 -7.03 25.46
C PRO A 4 29.65 -7.28 23.95
N LEU A 5 30.53 -8.19 23.57
CA LEU A 5 30.49 -8.73 22.20
C LEU A 5 29.14 -9.40 22.00
N PRO A 6 28.63 -9.46 20.75
CA PRO A 6 27.45 -10.27 20.47
C PRO A 6 27.83 -11.75 20.67
N GLU A 7 26.90 -12.53 21.16
CA GLU A 7 27.11 -13.98 21.36
C GLU A 7 27.52 -14.61 20.01
N GLY A 8 28.55 -15.45 20.03
CA GLY A 8 29.03 -16.22 18.87
C GLY A 8 30.05 -15.44 18.09
N VAL A 9 30.35 -14.20 18.48
CA VAL A 9 31.33 -13.36 17.78
C VAL A 9 32.57 -13.15 18.68
N SER A 10 33.73 -13.56 18.20
CA SER A 10 35.01 -13.47 18.94
C SER A 10 35.53 -12.04 18.86
N ALA A 11 36.40 -11.65 19.79
CA ALA A 11 37.11 -10.35 19.81
C ALA A 11 37.83 -10.13 18.48
N GLU A 12 38.42 -11.19 17.91
CA GLU A 12 39.23 -11.14 16.67
C GLU A 12 38.28 -10.84 15.49
N ALA A 13 37.15 -11.55 15.42
CA ALA A 13 36.15 -11.37 14.35
C ALA A 13 35.66 -9.92 14.40
N MET A 14 35.33 -9.40 15.60
CA MET A 14 34.80 -8.01 15.75
C MET A 14 35.88 -7.04 15.32
N SER A 15 37.11 -7.26 15.77
CA SER A 15 38.23 -6.34 15.49
C SER A 15 38.51 -6.32 13.98
N SER A 16 38.53 -7.47 13.32
CA SER A 16 38.71 -7.59 11.85
C SER A 16 37.57 -6.87 11.10
N ALA A 17 36.34 -7.05 11.54
CA ALA A 17 35.21 -6.34 10.88
C ALA A 17 35.41 -4.85 11.04
N LEU A 18 35.68 -4.38 12.26
CA LEU A 18 35.77 -2.92 12.48
C LEU A 18 36.92 -2.33 11.65
N ASP A 19 38.06 -3.03 11.50
CA ASP A 19 39.16 -2.49 10.64
C ASP A 19 38.64 -2.40 9.21
N ARG A 20 37.91 -3.41 8.74
CA ARG A 20 37.42 -3.41 7.33
C ARG A 20 36.39 -2.32 7.13
N PHE A 21 35.53 -2.10 8.14
CA PHE A 21 34.57 -0.97 8.09
C PHE A 21 35.34 0.33 7.91
N ALA A 22 36.46 0.49 8.61
CA ALA A 22 37.25 1.75 8.54
C ALA A 22 37.87 1.94 7.16
N ARG A 23 38.35 0.88 6.53
CA ARG A 23 38.84 0.97 5.13
C ARG A 23 37.71 1.42 4.20
N ILE A 24 36.49 0.95 4.43
CA ILE A 24 35.35 1.29 3.54
C ILE A 24 34.94 2.75 3.73
N VAL A 25 34.69 3.20 4.96
CA VAL A 25 34.06 4.52 5.21
C VAL A 25 35.14 5.57 5.53
N GLY A 26 36.34 5.14 5.85
CA GLY A 26 37.30 6.09 6.47
C GLY A 26 37.34 5.94 7.98
N ALA A 27 38.54 6.06 8.55
CA ALA A 27 38.78 5.72 9.97
C ALA A 27 37.99 6.69 10.82
N ASP A 28 37.67 7.89 10.34
CA ASP A 28 36.93 8.89 11.16
C ASP A 28 35.45 8.47 11.38
N TRP A 29 34.94 7.48 10.63
CA TRP A 29 33.47 7.23 10.55
C TRP A 29 33.13 5.86 11.11
N VAL A 30 34.04 5.30 11.88
CA VAL A 30 33.76 4.13 12.77
C VAL A 30 33.88 4.61 14.20
N PHE A 31 32.83 4.49 14.95
CA PHE A 31 32.71 5.08 16.30
C PHE A 31 32.76 3.95 17.32
N THR A 32 33.73 4.00 18.22
CA THR A 32 33.89 3.03 19.32
C THR A 32 34.06 3.81 20.63
N GLU A 33 34.16 3.10 21.76
CA GLU A 33 34.49 3.73 23.07
C GLU A 33 33.60 4.95 23.31
N ASP A 34 34.18 6.15 23.48
CA ASP A 34 33.45 7.36 23.94
C ASP A 34 32.53 7.89 22.83
N LYS A 35 32.79 7.56 21.56
CA LYS A 35 31.95 8.11 20.47
C LYS A 35 30.64 7.29 20.31
N ILE A 36 30.41 6.26 21.13
CA ILE A 36 29.19 5.40 21.03
C ILE A 36 28.01 6.06 21.74
N THR A 37 28.22 7.05 22.63
CA THR A 37 27.16 7.51 23.58
C THR A 37 25.91 8.00 22.85
N PRO A 38 25.98 8.68 21.69
CA PRO A 38 24.75 9.12 21.03
C PRO A 38 23.83 7.98 20.52
N TYR A 39 24.38 6.77 20.43
CA TYR A 39 23.69 5.56 19.91
C TYR A 39 23.00 4.81 21.05
N GLU A 40 23.21 5.22 22.30
CA GLU A 40 22.51 4.58 23.44
C GLU A 40 21.07 5.09 23.44
N ASP A 41 20.14 4.28 23.91
CA ASP A 41 18.75 4.74 24.08
C ASP A 41 18.82 5.92 25.04
N PRO A 42 18.35 7.13 24.67
CA PRO A 42 18.37 8.22 25.65
C PRO A 42 17.35 7.99 26.78
N TYR A 43 16.33 7.15 26.55
CA TYR A 43 15.22 6.97 27.51
C TYR A 43 15.26 5.53 28.03
N THR A 44 16.28 5.28 28.85
CA THR A 44 16.59 3.96 29.44
C THR A 44 15.35 3.38 30.12
N ILE A 45 15.15 2.08 29.96
CA ILE A 45 14.07 1.33 30.65
C ILE A 45 14.71 0.24 31.51
N SER A 46 15.58 -0.58 30.94
CA SER A 46 16.24 -1.70 31.67
C SER A 46 17.07 -1.15 32.84
N ASN A 47 17.11 -1.90 33.92
CA ASN A 47 18.06 -1.75 35.04
C ASN A 47 19.24 -2.68 34.85
N ASP A 48 19.30 -3.40 33.73
CA ASP A 48 20.47 -4.25 33.39
C ASP A 48 21.32 -3.50 32.36
N GLU A 49 22.49 -3.05 32.79
CA GLU A 49 23.44 -2.27 31.97
C GLU A 49 23.98 -3.10 30.81
N THR A 50 23.75 -4.41 30.76
CA THR A 50 24.25 -5.23 29.63
C THR A 50 23.22 -5.25 28.49
N GLU A 51 22.06 -4.60 28.62
CA GLU A 51 20.97 -4.77 27.60
C GLU A 51 20.92 -3.58 26.65
N HIS A 52 20.67 -3.86 25.36
CA HIS A 52 20.42 -2.85 24.29
C HIS A 52 21.65 -1.95 24.11
N ARG A 53 22.86 -2.51 24.28
CA ARG A 53 24.13 -1.76 24.14
C ARG A 53 24.75 -2.00 22.76
N PRO A 54 24.89 -0.93 21.95
CA PRO A 54 25.55 -1.03 20.66
C PRO A 54 27.06 -1.18 20.96
N TYR A 55 27.73 -2.04 20.22
CA TYR A 55 29.19 -2.25 20.34
C TYR A 55 29.98 -1.09 19.74
N ALA A 56 29.44 -0.50 18.68
CA ALA A 56 30.13 0.45 17.79
C ALA A 56 29.09 1.01 16.83
N ALA A 57 29.48 1.99 16.05
CA ALA A 57 28.67 2.46 14.93
C ALA A 57 29.58 2.72 13.74
N VAL A 58 29.00 2.65 12.55
CA VAL A 58 29.70 2.95 11.28
C VAL A 58 28.77 3.84 10.46
N ALA A 59 29.31 4.93 9.93
CA ALA A 59 28.56 6.02 9.28
C ALA A 59 28.95 6.14 7.81
N PRO A 60 28.36 5.32 6.92
CA PRO A 60 28.70 5.38 5.50
C PRO A 60 28.14 6.61 4.79
N ALA A 61 28.70 6.95 3.63
CA ALA A 61 28.25 8.11 2.83
C ALA A 61 27.73 7.70 1.45
N SER A 62 27.61 6.42 1.11
CA SER A 62 27.10 5.98 -0.21
C SER A 62 26.49 4.58 -0.11
N THR A 63 25.61 4.25 -1.03
CA THR A 63 25.06 2.87 -1.17
C THR A 63 26.23 1.89 -1.31
N GLU A 64 27.24 2.22 -2.09
CA GLU A 64 28.39 1.29 -2.27
C GLU A 64 29.01 0.97 -0.91
N GLU A 65 29.18 1.97 -0.07
CA GLU A 65 29.77 1.75 1.30
C GLU A 65 28.84 0.83 2.14
N VAL A 66 27.54 1.08 2.05
CA VAL A 66 26.52 0.22 2.74
C VAL A 66 26.72 -1.21 2.25
N GLN A 67 26.84 -1.45 0.93
CA GLN A 67 27.00 -2.80 0.36
C GLN A 67 28.30 -3.48 0.91
N GLU A 68 29.39 -2.75 0.98
CA GLU A 68 30.68 -3.33 1.45
C GLU A 68 30.62 -3.61 2.96
N ILE A 69 29.97 -2.73 3.74
CA ILE A 69 29.75 -2.98 5.20
C ILE A 69 28.96 -4.30 5.31
N VAL A 70 27.88 -4.44 4.56
CA VAL A 70 27.03 -5.67 4.68
C VAL A 70 27.86 -6.90 4.28
N ARG A 71 28.65 -6.81 3.22
CA ARG A 71 29.50 -7.97 2.82
C ARG A 71 30.48 -8.32 3.96
N VAL A 72 31.10 -7.33 4.57
CA VAL A 72 32.07 -7.59 5.67
C VAL A 72 31.32 -8.19 6.85
N ALA A 73 30.11 -7.69 7.14
CA ALA A 73 29.32 -8.23 8.27
C ALA A 73 29.10 -9.72 8.07
N ASN A 74 28.79 -10.14 6.84
CA ASN A 74 28.54 -11.58 6.53
C ASN A 74 29.84 -12.37 6.75
N GLU A 75 30.95 -11.81 6.33
CA GLU A 75 32.25 -12.52 6.38
C GLU A 75 32.60 -12.84 7.84
N PHE A 76 32.33 -11.92 8.76
CA PHE A 76 32.75 -12.04 10.17
C PHE A 76 31.58 -12.33 11.11
N GLY A 77 30.34 -12.43 10.61
CA GLY A 77 29.17 -12.74 11.47
C GLY A 77 28.87 -11.62 12.43
N VAL A 78 29.21 -10.39 12.08
CA VAL A 78 28.99 -9.21 12.95
C VAL A 78 27.64 -8.59 12.58
N PRO A 79 26.67 -8.55 13.52
CA PRO A 79 25.35 -8.01 13.22
C PRO A 79 25.34 -6.47 13.23
N LEU A 80 24.48 -5.93 12.34
CA LEU A 80 24.26 -4.49 12.11
C LEU A 80 22.86 -4.09 12.56
N TRP A 81 22.72 -2.84 13.00
CA TRP A 81 21.41 -2.21 13.30
C TRP A 81 21.25 -1.00 12.40
N PRO A 82 20.62 -1.11 11.22
CA PRO A 82 20.48 0.05 10.32
C PRO A 82 19.49 1.08 10.84
N VAL A 83 19.92 2.33 10.83
CA VAL A 83 19.04 3.47 11.13
C VAL A 83 19.21 4.52 10.03
N SER A 84 18.18 5.30 9.74
CA SER A 84 18.25 6.38 8.71
C SER A 84 18.84 7.62 9.38
N ARG A 85 18.23 8.08 10.46
CA ARG A 85 18.79 9.12 11.34
C ARG A 85 18.92 8.65 12.79
N GLY A 86 18.22 7.58 13.20
CA GLY A 86 18.31 7.02 14.55
C GLY A 86 17.67 7.91 15.61
N LYS A 87 16.64 8.66 15.25
CA LYS A 87 15.94 9.55 16.22
C LYS A 87 14.65 8.86 16.71
N ASN A 88 14.66 7.54 16.87
CA ASN A 88 13.45 6.74 17.23
C ASN A 88 13.20 6.81 18.74
N PHE A 89 13.26 8.01 19.28
CA PHE A 89 13.10 8.27 20.74
C PHE A 89 11.68 7.87 21.16
N ALA A 90 11.59 7.21 22.32
CA ALA A 90 10.38 6.56 22.91
C ALA A 90 10.24 5.13 22.36
N TYR A 91 11.08 4.74 21.38
CA TYR A 91 11.13 3.34 20.90
C TYR A 91 12.55 2.77 20.93
N GLY A 92 13.51 3.45 21.54
CA GLY A 92 14.90 2.93 21.68
C GLY A 92 15.98 3.86 21.14
N GLY A 93 15.60 4.97 20.50
CA GLY A 93 16.57 5.81 19.80
C GLY A 93 17.24 4.98 18.69
N ALA A 94 18.58 5.01 18.61
CA ALA A 94 19.38 4.28 17.62
C ALA A 94 19.82 2.94 18.21
N ALA A 95 19.40 2.60 19.43
CA ALA A 95 19.98 1.42 20.07
C ALA A 95 19.40 0.13 19.50
N PRO A 96 20.19 -0.96 19.51
CA PRO A 96 19.75 -2.25 18.99
C PRO A 96 19.02 -3.09 20.06
N VAL A 97 18.24 -4.07 19.60
CA VAL A 97 17.62 -5.05 20.51
C VAL A 97 18.72 -5.85 21.21
N MET A 98 19.70 -6.34 20.45
CA MET A 98 20.71 -7.31 20.93
C MET A 98 22.03 -6.58 21.16
N SER A 99 22.48 -6.57 22.42
CA SER A 99 23.78 -5.98 22.82
C SER A 99 24.89 -6.55 21.95
N GLY A 100 25.80 -5.70 21.50
CA GLY A 100 26.95 -6.12 20.68
C GLY A 100 26.70 -5.87 19.21
N THR A 101 25.47 -5.60 18.81
CA THR A 101 25.15 -5.18 17.42
C THR A 101 25.88 -3.85 17.15
N VAL A 102 26.40 -3.70 15.96
CA VAL A 102 26.98 -2.43 15.46
C VAL A 102 25.91 -1.62 14.73
N VAL A 103 25.70 -0.38 15.13
CA VAL A 103 24.73 0.51 14.44
C VAL A 103 25.28 0.93 13.08
N LEU A 104 24.46 0.77 12.05
CA LEU A 104 24.75 1.23 10.69
C LEU A 104 23.96 2.51 10.47
N ASP A 105 24.66 3.62 10.65
CA ASP A 105 24.07 4.96 10.78
C ASP A 105 24.18 5.63 9.42
N MET A 106 23.04 5.97 8.81
CA MET A 106 23.03 6.47 7.41
C MET A 106 22.79 7.98 7.36
N ASN A 107 23.03 8.67 8.47
CA ASN A 107 22.87 10.12 8.60
C ASN A 107 23.59 10.86 7.48
N ARG A 108 24.79 10.43 7.13
CA ARG A 108 25.63 11.17 6.17
C ARG A 108 25.08 10.96 4.75
N MET A 109 24.21 9.97 4.51
CA MET A 109 23.59 9.81 3.19
C MET A 109 22.35 10.69 3.14
N ASN A 110 22.56 12.00 2.95
CA ASN A 110 21.49 13.00 3.11
C ASN A 110 21.23 13.77 1.82
N ARG A 111 21.43 13.17 0.66
CA ARG A 111 21.07 13.79 -0.63
C ARG A 111 19.53 13.81 -0.82
N ILE A 112 19.01 14.96 -1.19
CA ILE A 112 17.68 15.09 -1.80
C ILE A 112 17.91 14.90 -3.29
N LEU A 113 17.61 13.71 -3.82
CA LEU A 113 17.88 13.41 -5.25
C LEU A 113 17.01 14.28 -6.17
N GLU A 114 15.73 14.46 -5.80
CA GLU A 114 14.78 15.21 -6.61
C GLU A 114 13.60 15.59 -5.75
N VAL A 115 13.08 16.78 -5.97
CA VAL A 115 11.73 17.17 -5.51
C VAL A 115 10.98 17.66 -6.72
N ASN A 116 9.88 17.00 -7.04
CA ASN A 116 9.17 17.22 -8.32
C ASN A 116 7.84 17.92 -7.98
N GLU A 117 7.74 19.21 -8.31
CA GLU A 117 6.53 20.01 -8.00
C GLU A 117 5.34 19.49 -8.84
N GLU A 118 5.51 19.25 -10.12
CA GLU A 118 4.32 19.02 -10.97
C GLU A 118 3.78 17.61 -10.70
N PHE A 119 4.62 16.64 -10.29
CA PHE A 119 4.10 15.32 -9.88
C PHE A 119 3.95 15.13 -8.37
N GLY A 120 4.37 16.10 -7.57
CA GLY A 120 4.25 16.04 -6.11
C GLY A 120 4.95 14.84 -5.54
N TYR A 121 6.27 14.81 -5.60
CA TYR A 121 7.04 13.73 -4.95
C TYR A 121 8.44 14.23 -4.59
N ALA A 122 9.08 13.48 -3.71
CA ALA A 122 10.53 13.63 -3.46
C ALA A 122 11.17 12.25 -3.53
N LEU A 123 12.43 12.21 -3.93
CA LEU A 123 13.29 11.03 -3.84
C LEU A 123 14.45 11.39 -2.94
N VAL A 124 14.61 10.67 -1.85
CA VAL A 124 15.53 11.09 -0.77
C VAL A 124 16.37 9.89 -0.31
N GLU A 125 17.51 10.20 0.29
CA GLU A 125 18.33 9.24 1.03
C GLU A 125 17.91 9.28 2.49
N PRO A 126 18.35 8.27 3.27
CA PRO A 126 17.82 8.09 4.63
C PRO A 126 18.17 9.22 5.61
N GLY A 127 19.30 9.90 5.37
CA GLY A 127 19.75 10.98 6.25
C GLY A 127 18.99 12.28 6.11
N VAL A 128 18.12 12.41 5.11
CA VAL A 128 17.31 13.63 4.94
C VAL A 128 16.31 13.74 6.08
N SER A 129 16.39 14.83 6.81
CA SER A 129 15.42 15.17 7.88
C SER A 129 14.20 15.85 7.28
N TYR A 130 13.13 15.92 8.06
CA TYR A 130 11.96 16.71 7.66
C TYR A 130 12.35 18.21 7.57
N PHE A 131 13.15 18.73 8.50
CA PHE A 131 13.69 20.11 8.35
C PHE A 131 14.36 20.33 7.00
N GLU A 132 15.26 19.44 6.61
CA GLU A 132 16.03 19.64 5.36
C GLU A 132 15.07 19.63 4.17
N LEU A 133 14.12 18.69 4.11
CA LEU A 133 13.24 18.60 2.93
C LEU A 133 12.35 19.84 2.90
N TYR A 134 11.81 20.24 4.04
CA TYR A 134 10.97 21.47 4.19
C TYR A 134 11.77 22.71 3.73
N ASP A 135 13.00 22.85 4.24
CA ASP A 135 13.84 24.04 3.88
C ASP A 135 14.19 24.02 2.39
N TYR A 136 14.47 22.86 1.79
CA TYR A 136 14.75 22.78 0.35
C TYR A 136 13.54 23.32 -0.41
N ILE A 137 12.35 22.84 -0.06
CA ILE A 137 11.09 23.24 -0.73
C ILE A 137 10.89 24.76 -0.61
N GLN A 138 11.04 25.32 0.58
CA GLN A 138 10.82 26.78 0.80
C GLN A 138 11.85 27.57 0.01
N GLU A 139 13.10 27.11 -0.01
CA GLU A 139 14.20 27.86 -0.70
C GLU A 139 13.91 27.87 -2.19
N LYS A 140 13.42 26.77 -2.77
CA LYS A 140 13.18 26.68 -4.23
C LYS A 140 11.81 27.29 -4.57
N GLY A 141 10.99 27.64 -3.60
CA GLY A 141 9.63 28.16 -3.83
C GLY A 141 8.71 27.13 -4.48
N LEU A 142 8.92 25.84 -4.19
CA LEU A 142 8.05 24.75 -4.71
C LEU A 142 6.73 24.77 -3.95
N LYS A 143 5.63 24.64 -4.66
CA LYS A 143 4.26 24.67 -4.09
C LYS A 143 3.83 23.28 -3.61
N LEU A 144 4.50 22.81 -2.58
CA LEU A 144 4.32 21.46 -2.00
C LEU A 144 4.35 21.61 -0.51
N TRP A 145 3.57 20.78 0.16
CA TRP A 145 3.64 20.57 1.61
C TRP A 145 4.19 19.18 1.86
N ILE A 146 4.89 19.04 2.96
CA ILE A 146 5.38 17.75 3.47
C ILE A 146 4.45 17.33 4.59
N ASP A 147 4.63 16.12 5.08
CA ASP A 147 3.83 15.61 6.21
C ASP A 147 4.81 15.22 7.30
N VAL A 148 4.72 15.89 8.45
CA VAL A 148 5.70 15.75 9.54
C VAL A 148 5.07 15.03 10.71
N PRO A 149 5.86 14.20 11.39
CA PRO A 149 5.51 13.76 12.73
C PRO A 149 5.75 14.98 13.65
N ASP A 150 5.47 14.83 14.93
CA ASP A 150 5.63 15.95 15.88
C ASP A 150 7.10 16.44 15.85
N LEU A 151 8.09 15.55 15.65
CA LEU A 151 9.50 15.99 15.77
C LEU A 151 10.14 16.07 14.37
N GLY A 152 10.53 17.28 13.96
CA GLY A 152 11.03 17.51 12.59
C GLY A 152 12.44 17.01 12.33
N TRP A 153 13.19 16.61 13.34
CA TRP A 153 14.59 16.19 13.16
C TRP A 153 14.72 14.73 12.76
N GLY A 154 13.61 14.01 12.62
CA GLY A 154 13.60 12.59 12.22
C GLY A 154 13.82 12.47 10.72
N SER A 155 13.79 11.25 10.22
CA SER A 155 14.05 10.87 8.81
C SER A 155 12.71 10.69 8.07
N VAL A 156 12.58 11.33 6.91
CA VAL A 156 11.49 11.06 5.96
C VAL A 156 11.42 9.56 5.68
N VAL A 157 12.57 8.90 5.46
CA VAL A 157 12.68 7.44 5.21
C VAL A 157 12.46 6.66 6.50
N GLY A 158 13.26 6.89 7.52
CA GLY A 158 13.23 6.01 8.70
C GLY A 158 11.86 6.00 9.36
N ASN A 159 11.26 7.17 9.50
CA ASN A 159 9.94 7.29 10.15
C ASN A 159 8.93 6.47 9.32
N ALA A 160 8.88 6.68 8.01
CA ALA A 160 7.96 5.93 7.13
C ALA A 160 8.18 4.43 7.30
N LEU A 161 9.44 3.98 7.33
CA LEU A 161 9.75 2.55 7.38
C LEU A 161 9.25 1.97 8.70
N ASP A 162 9.22 2.75 9.78
CA ASP A 162 8.69 2.25 11.06
C ASP A 162 7.16 2.46 11.11
N HIS A 163 6.50 2.77 10.01
CA HIS A 163 5.02 2.97 9.91
C HIS A 163 4.60 4.21 10.70
N GLY A 164 5.43 5.25 10.67
CA GLY A 164 5.18 6.49 11.41
C GLY A 164 4.04 7.28 10.79
N ILE A 165 3.54 8.24 11.57
CA ILE A 165 2.33 9.02 11.23
C ILE A 165 2.58 10.51 11.42
N GLY A 166 1.81 11.26 10.66
CA GLY A 166 1.68 12.72 10.82
C GLY A 166 0.26 13.15 10.58
N TYR A 167 0.07 14.44 10.25
CA TYR A 167 -1.14 15.19 10.68
C TYR A 167 -1.76 15.97 9.55
N THR A 168 -1.37 15.67 8.29
CA THR A 168 -2.01 16.22 7.07
C THR A 168 -2.77 15.08 6.38
N PRO A 169 -3.37 15.31 5.19
CA PRO A 169 -3.98 14.23 4.45
C PRO A 169 -2.96 13.17 4.04
N TYR A 170 -1.65 13.50 4.05
CA TYR A 170 -0.55 12.56 3.71
C TYR A 170 0.05 11.96 5.00
N GLY A 171 -0.77 11.83 6.07
CA GLY A 171 -0.32 11.40 7.40
C GLY A 171 0.10 9.95 7.52
N ASP A 172 -0.31 9.05 6.61
CA ASP A 172 0.17 7.66 6.68
C ASP A 172 1.48 7.60 5.87
N HIS A 173 2.62 7.76 6.52
CA HIS A 173 3.91 8.02 5.82
C HIS A 173 4.24 6.85 4.90
N PHE A 174 4.17 5.62 5.39
CA PHE A 174 4.49 4.47 4.54
C PHE A 174 3.52 4.38 3.36
N ALA A 175 2.24 4.74 3.54
CA ALA A 175 1.29 4.63 2.41
C ALA A 175 1.73 5.56 1.27
N MET A 176 2.36 6.68 1.57
CA MET A 176 2.77 7.65 0.53
C MET A 176 4.13 7.30 -0.11
N GLN A 177 4.78 6.19 0.33
CA GLN A 177 6.05 5.70 -0.26
C GLN A 177 5.84 5.19 -1.68
N CYS A 178 6.76 5.52 -2.59
CA CYS A 178 6.67 5.01 -3.96
C CYS A 178 8.09 4.81 -4.49
N GLY A 179 8.50 3.56 -4.67
CA GLY A 179 9.85 3.21 -5.15
C GLY A 179 10.87 3.22 -4.00
N MET A 180 11.73 2.20 -3.92
CA MET A 180 12.85 2.25 -2.96
C MET A 180 14.04 1.51 -3.56
N GLU A 181 15.23 1.86 -3.09
CA GLU A 181 16.47 1.09 -3.36
C GLU A 181 16.85 0.41 -2.06
N VAL A 182 17.15 -0.88 -2.15
CA VAL A 182 17.44 -1.73 -0.97
C VAL A 182 18.76 -2.46 -1.21
N VAL A 183 19.60 -2.41 -0.20
CA VAL A 183 20.74 -3.33 -0.07
C VAL A 183 20.25 -4.54 0.70
N LEU A 184 20.17 -5.69 0.02
CA LEU A 184 19.75 -6.95 0.61
C LEU A 184 20.84 -7.44 1.55
N PRO A 185 20.51 -8.42 2.42
CA PRO A 185 21.44 -8.86 3.45
C PRO A 185 22.69 -9.56 2.87
N ASN A 186 22.69 -9.91 1.58
CA ASN A 186 23.87 -10.50 0.91
C ASN A 186 24.73 -9.38 0.34
N GLY A 187 24.32 -8.10 0.45
CA GLY A 187 25.08 -6.94 -0.05
C GLY A 187 24.71 -6.56 -1.50
N GLU A 188 23.83 -7.29 -2.17
CA GLU A 188 23.37 -6.98 -3.55
C GLU A 188 22.34 -5.85 -3.44
N VAL A 189 22.25 -5.01 -4.45
CA VAL A 189 21.31 -3.86 -4.45
C VAL A 189 20.19 -4.10 -5.46
N VAL A 190 18.96 -3.78 -5.07
CA VAL A 190 17.76 -3.87 -5.93
C VAL A 190 16.99 -2.55 -5.85
N ARG A 191 16.25 -2.26 -6.92
CA ARG A 191 15.28 -1.16 -6.93
C ARG A 191 13.89 -1.78 -7.18
N THR A 192 12.90 -1.34 -6.41
CA THR A 192 11.53 -1.88 -6.50
C THR A 192 10.75 -1.08 -7.55
N GLY A 193 9.63 -1.64 -7.97
CA GLY A 193 8.63 -0.91 -8.78
C GLY A 193 9.22 -0.64 -10.14
N MET A 194 8.98 0.56 -10.65
CA MET A 194 9.45 0.92 -11.98
C MET A 194 10.97 1.20 -11.97
N GLY A 195 11.58 1.26 -10.78
CA GLY A 195 13.04 1.40 -10.61
C GLY A 195 13.79 0.24 -11.21
N ALA A 196 13.15 -0.93 -11.34
CA ALA A 196 13.76 -2.14 -11.93
C ALA A 196 13.86 -2.02 -13.44
N MET A 197 13.16 -1.06 -14.06
CA MET A 197 13.15 -0.80 -15.53
C MET A 197 14.30 0.18 -15.83
N PRO A 198 15.37 -0.26 -16.53
CA PRO A 198 16.44 0.66 -16.93
C PRO A 198 15.89 1.80 -17.79
N GLY A 199 16.24 3.02 -17.45
CA GLY A 199 15.83 4.20 -18.24
C GLY A 199 14.38 4.59 -17.97
N ASN A 200 13.75 4.11 -16.90
CA ASN A 200 12.37 4.47 -16.53
C ASN A 200 12.30 5.96 -16.20
N ASN A 201 11.07 6.50 -16.29
CA ASN A 201 10.75 7.83 -15.77
C ASN A 201 9.53 7.72 -14.86
N THR A 202 9.36 6.59 -14.16
CA THR A 202 8.11 6.30 -13.41
C THR A 202 8.38 5.75 -12.00
N TRP A 203 9.64 5.68 -11.54
CA TRP A 203 9.94 5.12 -10.21
C TRP A 203 9.06 5.74 -9.13
N GLN A 204 8.92 7.08 -9.10
CA GLN A 204 8.15 7.76 -8.06
C GLN A 204 6.69 8.02 -8.54
N LEU A 205 6.24 7.42 -9.64
CA LEU A 205 4.87 7.70 -10.19
C LEU A 205 3.94 6.48 -10.03
N PHE A 206 4.46 5.26 -10.12
CA PHE A 206 3.65 4.01 -10.04
C PHE A 206 4.28 3.08 -9.04
N LYS A 207 3.55 2.76 -7.98
CA LYS A 207 4.09 1.93 -6.88
C LYS A 207 4.53 0.53 -7.34
N TYR A 208 3.69 -0.18 -8.09
CA TYR A 208 3.82 -1.66 -8.13
C TYR A 208 5.02 -2.09 -8.98
N GLY A 209 5.22 -1.47 -10.12
CA GLY A 209 5.98 -2.11 -11.19
C GLY A 209 5.25 -3.34 -11.67
N TYR A 210 5.98 -4.43 -11.77
CA TYR A 210 5.43 -5.72 -12.24
C TYR A 210 5.86 -6.79 -11.29
N GLY A 211 5.00 -7.76 -11.07
CA GLY A 211 5.37 -8.88 -10.19
C GLY A 211 5.06 -8.61 -8.74
N PRO A 212 5.59 -9.47 -7.82
CA PRO A 212 5.27 -9.33 -6.40
C PRO A 212 5.60 -7.93 -5.89
N TYR A 213 4.71 -7.37 -5.06
CA TYR A 213 4.84 -6.01 -4.51
C TYR A 213 5.54 -6.11 -3.15
N VAL A 214 6.84 -5.80 -3.13
CA VAL A 214 7.70 -6.17 -1.97
C VAL A 214 8.05 -4.98 -1.09
N ASP A 215 7.76 -3.73 -1.49
CA ASP A 215 8.31 -2.56 -0.77
C ASP A 215 7.99 -2.73 0.73
N GLY A 216 6.77 -3.16 1.05
CA GLY A 216 6.30 -3.34 2.42
C GLY A 216 7.17 -4.26 3.29
N ILE A 217 7.84 -5.24 2.70
CA ILE A 217 8.61 -6.23 3.50
C ILE A 217 9.85 -5.57 4.06
N PHE A 218 10.19 -4.36 3.62
CA PHE A 218 11.38 -3.68 4.16
C PHE A 218 10.96 -2.64 5.20
N SER A 219 9.67 -2.55 5.54
CA SER A 219 9.18 -1.67 6.62
C SER A 219 9.02 -2.53 7.89
N GLN A 220 9.30 -1.95 9.05
CA GLN A 220 9.38 -2.63 10.39
C GLN A 220 10.09 -3.98 10.24
N SER A 221 11.25 -3.96 9.59
CA SER A 221 11.86 -5.19 9.04
C SER A 221 13.39 -5.21 9.24
N ASN A 222 13.95 -6.40 9.11
CA ASN A 222 15.41 -6.63 9.07
C ASN A 222 15.70 -7.47 7.84
N PHE A 223 14.92 -7.25 6.76
CA PHE A 223 15.09 -7.98 5.48
C PHE A 223 16.03 -7.24 4.51
N GLY A 224 16.39 -6.00 4.82
CA GLY A 224 17.29 -5.22 3.97
C GLY A 224 17.58 -3.86 4.56
N VAL A 225 18.46 -3.12 3.89
CA VAL A 225 18.86 -1.75 4.23
C VAL A 225 18.37 -0.82 3.13
N VAL A 226 17.36 0.01 3.44
CA VAL A 226 16.82 0.96 2.44
C VAL A 226 17.82 2.12 2.28
N THR A 227 18.21 2.42 1.06
CA THR A 227 19.23 3.44 0.77
C THR A 227 18.67 4.61 -0.03
N LYS A 228 17.53 4.46 -0.69
CA LYS A 228 16.80 5.58 -1.34
C LYS A 228 15.33 5.27 -1.21
N MET A 229 14.51 6.29 -1.17
CA MET A 229 13.04 6.05 -1.08
C MET A 229 12.32 7.23 -1.72
N GLY A 230 11.32 6.93 -2.51
CA GLY A 230 10.41 7.95 -3.01
C GLY A 230 9.26 8.19 -2.05
N ILE A 231 8.70 9.38 -2.03
CA ILE A 231 7.48 9.69 -1.22
C ILE A 231 6.65 10.71 -1.98
N TRP A 232 5.34 10.47 -2.02
CA TRP A 232 4.38 11.42 -2.59
C TRP A 232 4.22 12.60 -1.62
N LEU A 233 4.11 13.79 -2.21
CA LEU A 233 3.94 15.07 -1.49
C LEU A 233 2.66 15.76 -1.97
N MET A 234 1.97 16.38 -1.04
CA MET A 234 0.72 17.10 -1.29
C MET A 234 0.98 18.45 -1.97
N PRO A 235 0.33 18.71 -3.11
CA PRO A 235 0.29 20.05 -3.70
C PRO A 235 -0.25 21.04 -2.64
N GLU A 236 0.36 22.23 -2.55
CA GLU A 236 -0.15 23.27 -1.65
C GLU A 236 -1.63 23.49 -1.97
N PRO A 237 -2.55 23.42 -0.99
CA PRO A 237 -3.97 23.63 -1.29
C PRO A 237 -4.34 25.13 -1.44
N ALA A 238 -5.54 25.35 -1.95
CA ALA A 238 -6.13 26.66 -2.24
C ALA A 238 -6.55 27.30 -0.91
N GLY A 239 -6.59 26.54 0.18
CA GLY A 239 -6.96 27.09 1.50
C GLY A 239 -6.70 26.09 2.59
N TYR A 240 -6.76 26.56 3.83
CA TYR A 240 -6.34 25.78 5.02
C TYR A 240 -6.93 26.40 6.25
N ARG A 241 -7.68 25.65 7.03
CA ARG A 241 -8.30 26.18 8.26
C ARG A 241 -8.22 25.14 9.34
N PRO A 242 -7.30 25.30 10.31
CA PRO A 242 -7.20 24.38 11.42
C PRO A 242 -8.24 24.69 12.49
N TYR A 243 -8.64 23.69 13.24
CA TYR A 243 -9.73 23.82 14.26
C TYR A 243 -9.43 22.97 15.47
N LEU A 244 -10.05 23.35 16.61
CA LEU A 244 -9.99 22.59 17.87
C LEU A 244 -11.41 22.53 18.42
N ILE A 245 -11.90 21.32 18.69
CA ILE A 245 -13.19 21.06 19.36
C ILE A 245 -12.86 20.41 20.68
N THR A 246 -13.28 21.02 21.81
CA THR A 246 -12.97 20.49 23.16
C THR A 246 -14.23 19.88 23.78
N PHE A 247 -14.03 18.87 24.61
CA PHE A 247 -15.10 18.12 25.30
C PHE A 247 -14.77 18.12 26.78
N GLU A 248 -15.80 18.36 27.60
CA GLU A 248 -15.66 18.57 29.07
C GLU A 248 -15.42 17.26 29.82
N ASN A 249 -15.98 16.12 29.37
CA ASN A 249 -16.02 14.91 30.23
C ASN A 249 -15.15 13.79 29.69
N GLU A 250 -14.45 13.09 30.57
CA GLU A 250 -13.62 11.98 30.10
C GLU A 250 -14.51 10.98 29.34
N ASP A 251 -15.78 10.79 29.71
CA ASP A 251 -16.67 9.77 29.08
C ASP A 251 -17.19 10.27 27.71
N ASP A 252 -17.00 11.54 27.34
CA ASP A 252 -17.41 12.05 26.02
C ASP A 252 -16.70 11.28 24.89
N ILE A 253 -15.58 10.60 25.15
CA ILE A 253 -14.73 10.04 24.07
C ILE A 253 -15.54 8.94 23.38
N GLU A 254 -16.46 8.30 24.12
CA GLU A 254 -17.32 7.24 23.56
C GLU A 254 -18.17 7.84 22.44
N THR A 255 -18.98 8.85 22.72
CA THR A 255 -19.88 9.42 21.68
C THR A 255 -19.03 10.13 20.60
N VAL A 256 -17.95 10.79 21.02
CA VAL A 256 -17.10 11.56 20.05
C VAL A 256 -16.58 10.57 19.01
N THR A 257 -16.10 9.41 19.44
CA THR A 257 -15.55 8.41 18.50
C THR A 257 -16.64 7.92 17.56
N GLU A 258 -17.87 7.67 18.06
CA GLU A 258 -18.99 7.25 17.21
C GLU A 258 -19.21 8.28 16.11
N ARG A 259 -19.11 9.58 16.43
CA ARG A 259 -19.38 10.65 15.43
C ARG A 259 -18.19 10.79 14.47
N LEU A 260 -16.97 10.52 14.94
CA LEU A 260 -15.77 10.67 14.06
C LEU A 260 -15.82 9.60 12.96
N ARG A 261 -16.30 8.40 13.29
CA ARG A 261 -16.26 7.24 12.35
C ARG A 261 -16.81 7.62 10.97
N PRO A 262 -18.10 7.96 10.76
CA PRO A 262 -18.59 8.19 9.40
C PRO A 262 -17.85 9.37 8.72
N LEU A 263 -17.46 10.40 9.48
CA LEU A 263 -16.73 11.58 8.93
C LEU A 263 -15.37 11.12 8.34
N LYS A 264 -14.66 10.25 9.05
CA LYS A 264 -13.35 9.77 8.60
C LYS A 264 -13.54 8.79 7.45
N VAL A 265 -14.37 7.77 7.60
CA VAL A 265 -14.49 6.73 6.53
C VAL A 265 -14.86 7.39 5.19
N ALA A 266 -15.64 8.49 5.20
CA ALA A 266 -16.10 9.16 3.97
C ALA A 266 -15.09 10.24 3.55
N GLY A 267 -14.03 10.47 4.32
CA GLY A 267 -12.99 11.45 3.96
C GLY A 267 -13.40 12.89 4.24
N VAL A 268 -14.50 13.14 4.99
CA VAL A 268 -14.94 14.52 5.34
C VAL A 268 -13.87 15.15 6.26
N ILE A 269 -13.37 14.38 7.21
CA ILE A 269 -12.13 14.69 7.97
C ILE A 269 -10.95 14.31 7.06
N GLN A 270 -10.32 15.32 6.48
CA GLN A 270 -9.36 15.11 5.36
C GLN A 270 -7.99 14.63 5.89
N ASN A 271 -7.60 14.97 7.12
CA ASN A 271 -6.23 14.69 7.60
C ASN A 271 -6.28 13.61 8.68
N GLY A 272 -5.11 13.17 9.08
CA GLY A 272 -4.84 12.33 10.27
C GLY A 272 -5.00 13.20 11.49
N ALA A 273 -6.19 13.74 11.68
CA ALA A 273 -6.57 14.52 12.86
C ALA A 273 -6.42 13.63 14.09
N THR A 274 -6.58 14.24 15.27
CA THR A 274 -6.14 13.69 16.57
C THR A 274 -7.15 14.07 17.64
N VAL A 275 -7.32 13.20 18.59
CA VAL A 275 -8.05 13.52 19.83
C VAL A 275 -7.07 13.28 20.97
N ARG A 276 -6.74 14.33 21.72
CA ARG A 276 -5.61 14.30 22.69
C ARG A 276 -6.19 14.59 24.07
N SER A 277 -5.73 13.87 25.09
CA SER A 277 -6.23 14.01 26.48
C SER A 277 -5.75 15.38 27.03
N LEU A 278 -6.42 15.84 28.07
CA LEU A 278 -6.11 17.12 28.74
C LEU A 278 -4.60 17.23 29.04
N VAL A 279 -4.01 16.26 29.71
CA VAL A 279 -2.64 16.47 30.24
C VAL A 279 -1.66 16.52 29.07
N LEU A 280 -1.83 15.67 28.06
CA LEU A 280 -0.91 15.71 26.90
C LEU A 280 -0.94 17.13 26.33
N ASP A 281 -2.11 17.73 26.22
CA ASP A 281 -2.22 19.06 25.60
C ASP A 281 -1.75 20.16 26.57
N ALA A 282 -2.15 20.11 27.84
CA ALA A 282 -1.73 21.11 28.85
C ALA A 282 -0.19 21.16 28.91
N ALA A 283 0.47 20.01 28.83
CA ALA A 283 1.91 19.86 29.04
C ALA A 283 2.70 20.54 27.92
N ILE A 284 2.08 20.91 26.82
CA ILE A 284 2.80 21.67 25.75
C ILE A 284 3.06 23.09 26.26
N THR A 285 2.26 23.61 27.21
CA THR A 285 2.48 25.01 27.69
C THR A 285 2.58 25.15 29.23
N ARG A 286 2.43 24.11 30.04
CA ARG A 286 2.42 24.20 31.54
C ARG A 286 3.05 22.95 32.11
N THR A 287 3.46 23.03 33.37
CA THR A 287 3.96 21.89 34.15
C THR A 287 2.95 21.59 35.27
N LYS A 288 2.99 20.37 35.81
CA LYS A 288 2.05 19.94 36.87
C LYS A 288 2.20 20.89 38.08
N SER A 289 3.45 21.21 38.44
CA SER A 289 3.81 22.15 39.55
C SER A 289 3.05 23.47 39.42
N GLN A 290 2.62 23.91 38.25
CA GLN A 290 1.86 25.19 38.19
C GLN A 290 0.40 25.00 38.66
N TYR A 291 -0.06 23.78 38.92
CA TYR A 291 -1.45 23.51 39.33
C TYR A 291 -1.50 22.64 40.59
N TYR A 292 -0.44 21.91 40.92
CA TYR A 292 -0.54 20.81 41.90
C TYR A 292 0.85 20.49 42.47
N ASP A 293 0.95 20.41 43.79
CA ASP A 293 2.25 20.14 44.49
C ASP A 293 2.35 18.67 44.88
N GLY A 294 1.31 17.86 44.66
CA GLY A 294 1.30 16.42 44.99
C GLY A 294 2.30 15.61 44.19
N ASP A 295 2.63 14.44 44.69
CA ASP A 295 3.73 13.56 44.20
C ASP A 295 3.40 12.95 42.83
N GLY A 296 2.19 12.41 42.66
CA GLY A 296 1.85 11.55 41.51
C GLY A 296 0.78 12.20 40.65
N PRO A 297 -0.15 11.42 40.07
CA PRO A 297 -1.02 11.95 39.02
C PRO A 297 -2.06 12.95 39.53
N ILE A 298 -2.61 13.75 38.61
CA ILE A 298 -3.50 14.89 38.98
C ILE A 298 -4.83 14.35 39.45
N PRO A 299 -5.38 14.92 40.56
CA PRO A 299 -6.77 14.64 40.97
C PRO A 299 -7.75 15.39 40.07
N PRO A 300 -9.05 14.96 40.03
CA PRO A 300 -10.09 15.66 39.28
C PRO A 300 -10.22 17.19 39.42
N SER A 301 -10.01 17.76 40.60
CA SER A 301 -10.24 19.23 40.79
C SER A 301 -9.17 20.04 40.05
N VAL A 302 -7.96 19.49 40.03
CA VAL A 302 -6.79 20.07 39.31
C VAL A 302 -7.07 19.99 37.80
N ALA A 303 -7.60 18.88 37.31
CA ALA A 303 -8.01 18.76 35.89
C ALA A 303 -8.99 19.90 35.58
N LYS A 304 -10.00 20.14 36.43
CA LYS A 304 -11.03 21.15 36.10
C LYS A 304 -10.42 22.55 36.07
N THR A 305 -9.46 22.81 36.97
CA THR A 305 -8.79 24.13 37.01
C THR A 305 -8.02 24.33 35.69
N MET A 306 -7.26 23.31 35.31
CA MET A 306 -6.44 23.34 34.06
C MET A 306 -7.33 23.61 32.86
N MET A 307 -8.48 22.93 32.76
CA MET A 307 -9.41 23.04 31.59
C MET A 307 -9.84 24.49 31.44
N ALA A 308 -10.30 25.13 32.53
CA ALA A 308 -10.84 26.52 32.47
C ALA A 308 -9.69 27.50 32.25
N ASP A 309 -8.52 27.26 32.82
CA ASP A 309 -7.33 28.14 32.67
C ASP A 309 -6.87 28.16 31.18
N LEU A 310 -6.86 26.99 30.52
CA LEU A 310 -6.20 26.84 29.17
C LEU A 310 -7.18 26.78 28.01
N ASP A 311 -8.49 26.78 28.26
CA ASP A 311 -9.52 26.54 27.21
C ASP A 311 -9.21 25.18 26.55
N LEU A 312 -8.95 24.16 27.36
CA LEU A 312 -8.85 22.75 26.92
C LEU A 312 -9.97 21.93 27.57
N GLY A 313 -10.27 20.78 26.95
CA GLY A 313 -11.19 19.77 27.47
C GLY A 313 -10.47 18.61 28.05
N MET A 314 -11.23 17.64 28.56
CA MET A 314 -10.66 16.34 28.92
C MET A 314 -10.22 15.66 27.61
N TRP A 315 -10.91 15.97 26.52
CA TRP A 315 -10.54 15.52 25.16
C TRP A 315 -10.54 16.71 24.23
N ASN A 316 -9.52 16.79 23.40
CA ASN A 316 -9.33 17.91 22.45
C ASN A 316 -9.15 17.34 21.04
N PHE A 317 -10.08 17.65 20.16
CA PHE A 317 -10.12 17.13 18.78
C PHE A 317 -9.56 18.23 17.89
N CYS A 318 -8.36 17.98 17.38
CA CYS A 318 -7.62 18.94 16.54
C CYS A 318 -7.53 18.41 15.11
N GLY A 319 -8.13 19.13 14.17
CA GLY A 319 -8.12 18.76 12.75
C GLY A 319 -7.90 19.96 11.86
N ALA A 320 -7.94 19.78 10.56
CA ALA A 320 -7.89 20.93 9.64
C ALA A 320 -8.68 20.64 8.39
N LEU A 321 -9.19 21.73 7.79
CA LEU A 321 -9.87 21.78 6.51
C LEU A 321 -8.82 22.23 5.47
N TYR A 322 -8.94 21.65 4.29
CA TYR A 322 -8.03 21.91 3.16
C TYR A 322 -8.86 22.10 1.91
N GLY A 323 -8.47 23.07 1.11
CA GLY A 323 -8.99 23.28 -0.24
C GLY A 323 -9.67 24.64 -0.39
N PRO A 324 -10.37 24.86 -1.51
CA PRO A 324 -11.08 26.11 -1.73
C PRO A 324 -12.06 26.38 -0.59
N PRO A 325 -12.30 27.66 -0.26
CA PRO A 325 -13.29 28.02 0.76
C PRO A 325 -14.67 27.35 0.62
N PRO A 326 -15.31 27.23 -0.56
CA PRO A 326 -16.59 26.54 -0.61
C PRO A 326 -16.48 25.07 -0.16
N VAL A 327 -15.36 24.42 -0.44
CA VAL A 327 -15.14 23.02 0.01
C VAL A 327 -14.98 23.02 1.54
N MET A 328 -14.12 23.90 2.06
CA MET A 328 -13.86 23.95 3.52
C MET A 328 -15.18 24.25 4.25
N ASP A 329 -16.02 25.15 3.71
CA ASP A 329 -17.31 25.52 4.36
C ASP A 329 -18.22 24.29 4.42
N THR A 330 -18.34 23.55 3.31
CA THR A 330 -19.20 22.34 3.26
C THR A 330 -18.72 21.30 4.27
N LEU A 331 -17.41 21.02 4.32
CA LEU A 331 -16.91 19.98 5.24
C LEU A 331 -17.06 20.47 6.67
N TRP A 332 -16.84 21.75 6.94
CA TRP A 332 -16.99 22.26 8.33
C TRP A 332 -18.45 22.07 8.80
N THR A 333 -19.42 22.41 7.97
CA THR A 333 -20.84 22.25 8.39
C THR A 333 -21.04 20.82 8.87
N ALA A 334 -20.53 19.82 8.13
CA ALA A 334 -20.76 18.40 8.48
C ALA A 334 -20.05 18.07 9.77
N ILE A 335 -18.83 18.57 9.94
CA ILE A 335 -18.03 18.27 11.14
C ILE A 335 -18.69 18.99 12.34
N ARG A 336 -18.93 20.29 12.24
CA ARG A 336 -19.48 21.07 13.39
C ARG A 336 -20.82 20.43 13.80
N ASP A 337 -21.72 20.18 12.85
CA ASP A 337 -23.06 19.64 13.21
C ASP A 337 -22.96 18.26 13.87
N SER A 338 -21.89 17.48 13.64
CA SER A 338 -21.76 16.13 14.23
C SER A 338 -21.56 16.23 15.74
N PHE A 339 -21.03 17.34 16.27
CA PHE A 339 -20.61 17.43 17.69
C PHE A 339 -21.45 18.45 18.49
N ALA A 340 -22.29 19.23 17.80
CA ALA A 340 -22.88 20.49 18.34
C ALA A 340 -23.78 20.18 19.54
N ASP A 341 -24.36 18.98 19.59
CA ASP A 341 -25.40 18.67 20.58
C ASP A 341 -24.78 18.04 21.81
N ILE A 342 -23.45 17.87 21.86
CA ILE A 342 -22.80 17.24 23.04
C ILE A 342 -22.73 18.28 24.15
N PRO A 343 -23.29 18.04 25.36
CA PRO A 343 -23.18 19.05 26.43
C PRO A 343 -21.71 19.41 26.72
N GLY A 344 -21.41 20.70 26.76
CA GLY A 344 -20.09 21.22 27.18
C GLY A 344 -19.09 21.31 26.00
N VAL A 345 -19.50 20.98 24.78
CA VAL A 345 -18.63 21.08 23.56
C VAL A 345 -18.28 22.56 23.35
N LYS A 346 -17.05 22.84 22.91
CA LYS A 346 -16.64 24.19 22.45
C LYS A 346 -15.83 24.08 21.15
N PHE A 347 -16.04 25.01 20.22
CA PHE A 347 -15.45 25.07 18.88
C PHE A 347 -14.54 26.29 18.83
N TYR A 348 -13.36 26.14 18.26
CA TYR A 348 -12.33 27.21 18.18
C TYR A 348 -11.62 27.13 16.84
N PHE A 349 -11.52 28.29 16.19
CA PHE A 349 -10.48 28.56 15.17
C PHE A 349 -9.37 29.35 15.85
N PRO A 350 -8.20 29.51 15.20
CA PRO A 350 -7.06 30.18 15.82
C PRO A 350 -7.38 31.58 16.41
N GLU A 351 -8.19 32.38 15.69
CA GLU A 351 -8.62 33.74 16.08
C GLU A 351 -9.43 33.68 17.37
N ASP A 352 -9.92 32.51 17.79
CA ASP A 352 -10.78 32.41 18.99
C ASP A 352 -9.95 32.01 20.20
N ARG A 353 -8.66 31.78 20.06
CA ARG A 353 -7.84 31.31 21.19
C ARG A 353 -7.33 32.53 21.94
N ARG A 354 -7.44 32.53 23.26
CA ARG A 354 -7.08 33.78 24.01
C ARG A 354 -5.61 33.73 24.41
N HIS A 355 -4.94 32.57 24.41
CA HIS A 355 -3.51 32.51 24.81
C HIS A 355 -2.63 32.71 23.56
N LYS A 356 -1.54 33.45 23.70
CA LYS A 356 -0.63 33.74 22.56
C LYS A 356 0.20 32.47 22.30
N VAL A 357 0.52 31.74 23.37
CA VAL A 357 1.24 30.44 23.30
C VAL A 357 0.22 29.36 23.66
N ASP A 358 -0.15 28.54 22.68
CA ASP A 358 -1.43 27.80 22.72
C ASP A 358 -1.35 26.53 21.86
N LEU A 359 -2.04 25.50 22.31
CA LEU A 359 -2.06 24.20 21.63
C LEU A 359 -2.49 24.33 20.18
N LEU A 360 -3.63 24.95 19.90
CA LEU A 360 -4.12 25.08 18.51
C LEU A 360 -3.14 25.88 17.66
N LEU A 361 -2.59 26.98 18.17
CA LEU A 361 -1.69 27.81 17.32
C LEU A 361 -0.44 26.96 17.00
N HIS A 362 -0.04 26.07 17.90
CA HIS A 362 1.09 25.15 17.65
C HIS A 362 0.68 24.10 16.59
N ARG A 363 -0.43 23.39 16.78
CA ARG A 363 -0.78 22.26 15.87
C ARG A 363 -1.25 22.76 14.51
N ALA A 364 -1.69 24.02 14.40
CA ALA A 364 -1.97 24.65 13.10
C ALA A 364 -0.74 24.57 12.19
N GLU A 365 0.46 24.61 12.78
CA GLU A 365 1.71 24.50 11.98
C GLU A 365 1.93 23.02 11.58
N THR A 366 1.80 22.11 12.52
CA THR A 366 1.98 20.66 12.31
C THR A 366 1.04 20.18 11.20
N MET A 367 -0.21 20.63 11.22
CA MET A 367 -1.21 20.13 10.25
C MET A 367 -1.03 20.78 8.89
N LYS A 368 -0.09 21.72 8.72
CA LYS A 368 0.29 22.06 7.33
C LYS A 368 1.75 21.68 7.07
N GLY A 369 2.28 20.72 7.82
CA GLY A 369 3.59 20.11 7.52
C GLY A 369 4.77 21.02 7.85
N VAL A 370 4.66 21.87 8.87
CA VAL A 370 5.81 22.72 9.32
C VAL A 370 6.57 21.94 10.37
N PRO A 371 7.84 21.54 10.11
CA PRO A 371 8.57 20.76 11.10
C PRO A 371 8.96 21.63 12.31
N LYS A 372 8.88 21.06 13.51
CA LYS A 372 9.15 21.76 14.78
C LYS A 372 9.76 20.77 15.78
N LEU A 373 10.18 21.26 16.94
CA LEU A 373 10.70 20.42 18.05
C LEU A 373 9.95 20.76 19.37
N THR A 374 8.76 21.33 19.29
CA THR A 374 8.04 21.78 20.49
C THR A 374 7.38 20.63 21.23
N GLU A 375 7.17 19.47 20.60
CA GLU A 375 6.43 18.39 21.26
C GLU A 375 7.18 17.84 22.48
N PHE A 376 8.49 17.99 22.57
CA PHE A 376 9.31 17.58 23.72
C PHE A 376 8.87 18.34 24.97
N ASN A 377 8.12 19.42 24.82
CA ASN A 377 7.65 20.22 25.95
C ASN A 377 6.91 19.31 26.94
N PHE A 378 6.21 18.26 26.49
CA PHE A 378 5.41 17.48 27.47
C PHE A 378 6.33 16.75 28.45
N LEU A 379 7.59 16.51 28.11
CA LEU A 379 8.54 15.83 29.00
C LEU A 379 8.82 16.66 30.27
N ASN A 380 8.46 17.95 30.30
CA ASN A 380 8.68 18.79 31.51
C ASN A 380 7.59 18.55 32.56
N TRP A 381 6.56 17.75 32.24
CA TRP A 381 5.27 17.80 32.98
C TRP A 381 5.54 17.58 34.47
N ASP A 382 6.40 16.62 34.80
CA ASP A 382 6.61 16.16 36.20
C ASP A 382 8.05 16.40 36.61
N GLY A 383 8.72 17.38 36.03
CA GLY A 383 10.07 17.79 36.43
C GLY A 383 11.15 17.23 35.54
N GLY A 384 10.83 16.61 34.40
CA GLY A 384 11.88 16.24 33.41
C GLY A 384 11.99 14.73 33.34
N GLY A 385 11.60 14.14 32.22
CA GLY A 385 11.70 12.70 32.04
C GLY A 385 11.94 12.28 30.59
N GLY A 386 12.07 10.98 30.40
CA GLY A 386 11.94 10.38 29.06
C GLY A 386 10.52 9.94 28.87
N HIS A 387 10.25 9.25 27.76
CA HIS A 387 8.90 8.70 27.52
C HIS A 387 9.05 7.41 26.73
N VAL A 388 8.00 6.62 26.80
CA VAL A 388 7.87 5.41 25.97
C VAL A 388 6.43 5.42 25.42
N GLY A 389 6.27 4.93 24.20
CA GLY A 389 4.96 4.89 23.56
C GLY A 389 4.33 3.52 23.72
N PHE A 390 3.16 3.47 24.31
CA PHE A 390 2.33 2.24 24.33
C PHE A 390 1.28 2.51 23.28
N SER A 391 1.32 1.76 22.16
CA SER A 391 0.63 2.18 20.94
C SER A 391 -0.32 1.12 20.36
N PRO A 392 -1.38 0.72 21.08
CA PRO A 392 -2.39 -0.18 20.53
C PRO A 392 -3.22 0.46 19.43
N VAL A 393 -3.72 -0.42 18.56
CA VAL A 393 -4.69 -0.11 17.50
C VAL A 393 -6.10 -0.31 18.05
N SER A 394 -7.06 0.50 17.59
CA SER A 394 -8.49 0.40 17.95
C SER A 394 -9.33 0.58 16.71
N PRO A 395 -10.50 -0.08 16.59
CA PRO A 395 -11.54 0.40 15.69
C PRO A 395 -11.91 1.85 16.03
N ILE A 396 -12.41 2.59 15.04
CA ILE A 396 -13.10 3.88 15.30
C ILE A 396 -14.50 3.58 15.84
N THR A 397 -14.55 3.10 17.08
CA THR A 397 -15.78 2.77 17.81
C THR A 397 -15.68 3.35 19.22
N GLY A 398 -16.73 4.01 19.69
CA GLY A 398 -16.79 4.55 21.06
C GLY A 398 -16.46 3.50 22.09
N LYS A 399 -17.01 2.29 21.93
CA LYS A 399 -16.89 1.25 22.97
C LYS A 399 -15.42 0.89 23.13
N ASP A 400 -14.70 0.72 22.00
CA ASP A 400 -13.27 0.36 22.04
C ASP A 400 -12.43 1.52 22.61
N ALA A 401 -12.69 2.73 22.17
CA ALA A 401 -11.87 3.90 22.55
C ALA A 401 -12.02 4.10 24.06
N ILE A 402 -13.24 4.04 24.58
CA ILE A 402 -13.40 4.27 26.04
C ILE A 402 -12.87 3.04 26.82
N LYS A 403 -12.99 1.81 26.30
CA LYS A 403 -12.41 0.61 26.95
C LYS A 403 -10.89 0.83 27.06
N GLN A 404 -10.23 1.23 25.96
CA GLN A 404 -8.75 1.37 25.96
C GLN A 404 -8.36 2.51 26.95
N TYR A 405 -9.10 3.61 26.90
CA TYR A 405 -8.86 4.77 27.78
C TYR A 405 -8.89 4.27 29.22
N ASN A 406 -9.98 3.60 29.61
CA ASN A 406 -10.16 3.11 31.01
C ASN A 406 -9.02 2.15 31.39
N MET A 407 -8.70 1.21 30.53
CA MET A 407 -7.67 0.18 30.82
C MET A 407 -6.31 0.86 31.02
N VAL A 408 -5.97 1.76 30.11
CA VAL A 408 -4.61 2.35 30.04
C VAL A 408 -4.52 3.45 31.11
N SER A 409 -5.43 4.40 31.15
CA SER A 409 -5.31 5.51 32.14
C SER A 409 -5.32 4.95 33.56
N SER A 410 -6.16 3.96 33.89
CA SER A 410 -6.18 3.34 35.25
C SER A 410 -4.80 2.85 35.66
N ARG A 411 -4.20 2.05 34.79
CA ARG A 411 -2.93 1.39 35.15
C ARG A 411 -1.80 2.42 35.22
N VAL A 412 -1.74 3.32 34.25
CA VAL A 412 -0.71 4.37 34.20
C VAL A 412 -0.76 5.19 35.51
N ARG A 413 -1.94 5.67 35.91
CA ARG A 413 -2.15 6.47 37.16
C ARG A 413 -1.81 5.63 38.38
N GLU A 414 -2.20 4.36 38.38
CA GLU A 414 -1.90 3.43 39.50
C GLU A 414 -0.39 3.33 39.69
N TYR A 415 0.42 3.39 38.63
CA TYR A 415 1.90 3.26 38.70
C TYR A 415 2.55 4.64 38.90
N GLY A 416 1.76 5.71 39.10
CA GLY A 416 2.26 7.02 39.56
C GLY A 416 2.53 8.00 38.43
N PHE A 417 2.09 7.70 37.20
CA PHE A 417 2.25 8.61 36.04
C PHE A 417 0.92 9.22 35.66
N ASP A 418 0.93 10.43 35.14
CA ASP A 418 -0.26 11.00 34.47
C ASP A 418 -0.51 10.26 33.15
N TYR A 419 -1.79 10.08 32.81
CA TYR A 419 -2.26 9.61 31.48
C TYR A 419 -2.08 10.75 30.49
N MET A 420 -1.35 10.48 29.41
CA MET A 420 -1.22 11.39 28.27
C MET A 420 -1.48 10.57 27.00
N GLY A 421 -2.68 10.73 26.44
CA GLY A 421 -3.22 9.84 25.41
C GLY A 421 -3.51 10.56 24.12
N LEU A 422 -3.08 9.98 23.01
CA LEU A 422 -3.35 10.46 21.63
C LEU A 422 -4.16 9.36 20.94
N LEU A 423 -5.27 9.72 20.30
CA LEU A 423 -6.03 8.86 19.34
C LEU A 423 -5.83 9.49 17.95
N ALA A 424 -4.87 8.97 17.19
CA ALA A 424 -4.52 9.48 15.85
C ALA A 424 -5.47 8.80 14.85
N ILE A 425 -6.26 9.56 14.10
CA ILE A 425 -7.37 8.98 13.31
C ILE A 425 -6.77 8.57 11.99
N GLY A 426 -6.67 7.27 11.69
CA GLY A 426 -6.28 6.82 10.35
C GLY A 426 -7.52 6.56 9.51
N TRP A 427 -7.35 5.84 8.42
CA TRP A 427 -8.44 5.72 7.42
C TRP A 427 -9.65 5.01 8.04
N ARG A 428 -9.40 3.93 8.78
CA ARG A 428 -10.50 3.09 9.35
C ARG A 428 -10.15 2.68 10.78
N ASP A 429 -9.07 3.21 11.33
CA ASP A 429 -8.52 2.81 12.65
C ASP A 429 -8.22 4.05 13.50
N LEU A 430 -8.13 3.86 14.79
CA LEU A 430 -7.36 4.78 15.69
C LEU A 430 -6.04 4.16 16.11
N HIS A 431 -4.93 4.90 15.94
CA HIS A 431 -3.68 4.60 16.65
C HIS A 431 -3.82 5.26 18.03
N HIS A 432 -3.86 4.46 19.08
CA HIS A 432 -3.99 4.99 20.46
C HIS A 432 -2.59 5.02 21.07
N VAL A 433 -1.91 6.15 20.99
CA VAL A 433 -0.53 6.25 21.52
C VAL A 433 -0.61 6.90 22.92
N THR A 434 -0.27 6.17 23.97
CA THR A 434 -0.12 6.72 25.34
C THR A 434 1.36 6.97 25.50
N VAL A 435 1.73 8.22 25.74
CA VAL A 435 3.15 8.56 26.05
C VAL A 435 3.29 8.61 27.57
N ILE A 436 4.11 7.70 28.09
CA ILE A 436 4.29 7.58 29.55
C ILE A 436 5.61 8.29 29.87
N VAL A 437 5.50 9.41 30.57
CA VAL A 437 6.66 10.27 30.97
C VAL A 437 7.16 9.77 32.31
N TYR A 438 8.45 9.51 32.41
CA TYR A 438 9.03 8.87 33.62
C TYR A 438 10.45 9.36 33.82
N ASP A 439 10.92 9.29 35.05
CA ASP A 439 12.31 9.67 35.38
C ASP A 439 13.24 8.54 34.94
N LYS A 440 13.80 8.67 33.74
CA LYS A 440 14.64 7.61 33.11
C LYS A 440 15.96 7.45 33.87
N THR A 441 16.35 8.39 34.74
CA THR A 441 17.63 8.36 35.52
C THR A 441 17.43 7.62 36.85
N ASP A 442 16.20 7.23 37.18
CA ASP A 442 15.88 6.63 38.51
C ASP A 442 15.55 5.15 38.36
N PRO A 443 16.36 4.21 38.87
CA PRO A 443 16.08 2.79 38.71
C PRO A 443 14.73 2.36 39.27
N ASP A 444 14.22 3.03 40.32
CA ASP A 444 12.91 2.61 40.90
C ASP A 444 11.78 2.99 39.93
N GLU A 445 11.85 4.14 39.28
CA GLU A 445 10.87 4.59 38.28
C GLU A 445 10.96 3.72 37.01
N ARG A 446 12.17 3.37 36.56
CA ARG A 446 12.35 2.46 35.39
C ARG A 446 11.77 1.09 35.70
N LYS A 447 11.91 0.59 36.93
CA LYS A 447 11.32 -0.72 37.32
C LYS A 447 9.79 -0.64 37.25
N LYS A 448 9.19 0.41 37.79
CA LYS A 448 7.71 0.59 37.74
C LYS A 448 7.25 0.70 36.26
N LEU A 449 7.95 1.49 35.47
CA LEU A 449 7.59 1.72 34.06
C LEU A 449 7.61 0.40 33.31
N ASP A 450 8.65 -0.39 33.52
CA ASP A 450 8.82 -1.71 32.85
C ASP A 450 7.68 -2.64 33.24
N GLU A 451 7.34 -2.72 34.54
CA GLU A 451 6.24 -3.59 35.00
C GLU A 451 4.92 -3.11 34.42
N LEU A 452 4.70 -1.81 34.44
CA LEU A 452 3.45 -1.21 33.88
C LEU A 452 3.34 -1.56 32.39
N PHE A 453 4.42 -1.40 31.65
CA PHE A 453 4.39 -1.63 30.19
C PHE A 453 3.97 -3.09 29.90
N ASN A 454 4.59 -4.03 30.60
CA ASN A 454 4.29 -5.49 30.45
C ASN A 454 2.81 -5.74 30.69
N ILE A 455 2.23 -5.08 31.69
CA ILE A 455 0.81 -5.23 32.03
C ILE A 455 -0.04 -4.63 30.92
N LEU A 456 0.30 -3.45 30.41
CA LEU A 456 -0.54 -2.81 29.35
C LEU A 456 -0.57 -3.74 28.13
N VAL A 457 0.57 -4.31 27.77
CA VAL A 457 0.68 -5.21 26.58
C VAL A 457 -0.26 -6.40 26.81
N ASP A 458 -0.10 -7.08 27.94
CA ASP A 458 -0.83 -8.35 28.26
C ASP A 458 -2.31 -8.03 28.38
N GLU A 459 -2.70 -6.93 29.02
CA GLU A 459 -4.15 -6.62 29.14
C GLU A 459 -4.76 -6.24 27.80
N ALA A 460 -4.05 -5.46 26.96
CA ALA A 460 -4.55 -5.11 25.62
C ALA A 460 -4.73 -6.40 24.79
N ALA A 461 -3.74 -7.28 24.81
CA ALA A 461 -3.77 -8.54 24.03
C ALA A 461 -4.89 -9.45 24.55
N ALA A 462 -5.15 -9.46 25.87
CA ALA A 462 -6.30 -10.21 26.41
C ALA A 462 -7.61 -9.64 25.88
N GLU A 463 -7.66 -8.41 25.41
CA GLU A 463 -8.88 -7.80 24.82
C GLU A 463 -8.80 -7.80 23.28
N GLY A 464 -7.84 -8.53 22.69
CA GLY A 464 -7.79 -8.58 21.22
C GLY A 464 -7.23 -7.31 20.60
N TYR A 465 -6.41 -6.58 21.37
CA TYR A 465 -5.79 -5.31 20.87
C TYR A 465 -4.26 -5.50 20.75
N GLY A 466 -3.71 -5.16 19.57
CA GLY A 466 -2.25 -5.28 19.38
C GLY A 466 -1.64 -3.93 19.10
N GLU A 467 -0.33 -3.78 19.35
CA GLU A 467 0.40 -2.51 19.13
C GLU A 467 0.85 -2.46 17.67
N TYR A 468 0.88 -1.25 17.08
CA TYR A 468 1.34 -1.03 15.68
C TYR A 468 2.87 -0.85 15.66
N ARG A 469 3.46 -0.50 16.80
CA ARG A 469 4.87 -0.07 16.90
C ARG A 469 5.32 -0.17 18.35
N THR A 470 6.57 -0.51 18.58
CA THR A 470 7.02 -0.64 19.97
C THR A 470 8.50 -0.37 20.08
N HIS A 471 8.90 -0.27 21.34
CA HIS A 471 10.29 -0.07 21.79
C HIS A 471 11.07 -1.37 21.59
N ILE A 472 12.36 -1.25 21.31
CA ILE A 472 13.30 -2.40 21.17
C ILE A 472 13.13 -3.42 22.32
N ARG A 473 12.90 -2.95 23.54
CA ARG A 473 12.83 -3.85 24.70
C ARG A 473 11.65 -4.81 24.57
N TYR A 474 10.57 -4.38 23.92
CA TYR A 474 9.30 -5.15 23.83
C TYR A 474 9.08 -5.77 22.45
N MET A 475 10.05 -5.76 21.56
CA MET A 475 9.74 -6.25 20.20
C MET A 475 9.40 -7.74 20.20
N ASP A 476 10.08 -8.58 20.99
CA ASP A 476 9.74 -10.01 21.09
C ASP A 476 8.34 -10.14 21.69
N ARG A 477 8.06 -9.40 22.74
CA ARG A 477 6.79 -9.56 23.48
C ARG A 477 5.63 -9.22 22.54
N ILE A 478 5.76 -8.14 21.76
CA ILE A 478 4.68 -7.75 20.82
C ILE A 478 4.53 -8.79 19.68
N ALA A 479 5.63 -9.29 19.11
CA ALA A 479 5.59 -10.37 18.08
C ALA A 479 4.78 -11.55 18.63
N LYS A 480 5.00 -11.91 19.90
CA LYS A 480 4.35 -13.09 20.54
C LYS A 480 2.85 -12.87 20.77
N THR A 481 2.35 -11.65 20.70
CA THR A 481 0.89 -11.35 20.76
C THR A 481 0.21 -11.65 19.42
N TYR A 482 0.95 -11.65 18.30
CA TYR A 482 0.40 -11.89 16.93
C TYR A 482 0.49 -13.37 16.60
N SER A 483 -0.07 -14.19 17.50
CA SER A 483 0.19 -15.65 17.65
C SER A 483 -0.87 -16.51 16.94
N TRP A 484 -1.74 -15.94 16.12
CA TRP A 484 -2.78 -16.76 15.47
C TRP A 484 -2.17 -18.00 14.82
N ASN A 485 -2.85 -19.15 14.95
CA ASN A 485 -2.42 -20.42 14.32
C ASN A 485 -1.00 -20.80 14.78
N ASP A 486 -0.77 -20.83 16.10
CA ASP A 486 0.56 -21.19 16.68
C ASP A 486 1.70 -20.35 16.05
N ASN A 487 1.54 -19.02 15.99
CA ASN A 487 2.62 -18.11 15.53
C ASN A 487 2.94 -18.39 14.05
N ALA A 488 1.91 -18.63 13.25
CA ALA A 488 2.06 -18.89 11.79
C ALA A 488 2.75 -17.72 11.07
N LEU A 489 2.37 -16.49 11.37
CA LEU A 489 2.94 -15.33 10.61
C LEU A 489 4.43 -15.21 10.91
N TRP A 490 4.87 -15.36 12.16
CA TRP A 490 6.31 -15.25 12.48
C TRP A 490 7.10 -16.42 11.92
N LYS A 491 6.50 -17.60 11.78
CA LYS A 491 7.18 -18.71 11.13
C LYS A 491 7.44 -18.34 9.68
N MET A 492 6.50 -17.71 9.02
CA MET A 492 6.72 -17.22 7.64
C MET A 492 7.82 -16.12 7.65
N HIS A 493 7.76 -15.14 8.53
CA HIS A 493 8.82 -14.10 8.58
C HIS A 493 10.19 -14.76 8.76
N GLU A 494 10.31 -15.75 9.63
CA GLU A 494 11.59 -16.44 9.87
C GLU A 494 12.04 -17.19 8.61
N THR A 495 11.11 -17.76 7.83
CA THR A 495 11.44 -18.42 6.54
C THR A 495 12.07 -17.41 5.58
N ILE A 496 11.46 -16.25 5.43
CA ILE A 496 11.96 -15.18 4.51
C ILE A 496 13.27 -14.63 5.08
N LYS A 497 13.32 -14.44 6.38
CA LYS A 497 14.57 -13.96 7.03
C LYS A 497 15.75 -14.91 6.72
N ASP A 498 15.56 -16.21 6.87
CA ASP A 498 16.64 -17.19 6.62
C ASP A 498 17.02 -17.24 5.14
N ALA A 499 16.11 -16.93 4.24
CA ALA A 499 16.38 -16.98 2.78
C ALA A 499 17.18 -15.74 2.38
N LEU A 500 16.77 -14.56 2.86
CA LEU A 500 17.42 -13.28 2.49
C LEU A 500 18.71 -13.07 3.29
N ASP A 501 18.75 -13.54 4.55
CA ASP A 501 19.82 -13.21 5.50
C ASP A 501 20.25 -14.49 6.24
N PRO A 502 20.79 -15.50 5.51
CA PRO A 502 21.17 -16.76 6.15
C PRO A 502 22.14 -16.56 7.31
N ASN A 503 23.00 -15.53 7.28
CA ASN A 503 23.97 -15.31 8.37
C ASN A 503 23.32 -14.51 9.50
N GLY A 504 22.08 -14.01 9.35
CA GLY A 504 21.41 -13.27 10.45
C GLY A 504 22.16 -12.01 10.80
N ILE A 505 22.77 -11.32 9.83
CA ILE A 505 23.56 -10.11 10.19
C ILE A 505 22.76 -8.82 10.11
N LEU A 506 21.50 -8.79 9.64
CA LEU A 506 20.71 -7.53 9.78
C LEU A 506 19.80 -7.55 11.00
N ALA A 507 20.04 -6.60 11.90
CA ALA A 507 19.16 -6.17 13.01
C ALA A 507 18.45 -7.36 13.66
N PRO A 508 19.20 -8.30 14.25
CA PRO A 508 18.56 -9.43 14.95
C PRO A 508 17.66 -8.92 16.08
N GLY A 509 16.40 -9.37 16.11
CA GLY A 509 15.43 -8.93 17.12
C GLY A 509 14.48 -7.85 16.61
N LYS A 510 14.80 -7.18 15.50
CA LYS A 510 13.86 -6.19 14.97
C LYS A 510 12.50 -6.89 14.70
N SER A 511 11.43 -6.34 15.27
CA SER A 511 10.04 -6.86 15.14
C SER A 511 9.96 -8.30 15.62
N GLY A 512 10.88 -8.72 16.51
CA GLY A 512 10.86 -10.09 17.03
C GLY A 512 11.33 -11.11 16.01
N ILE A 513 12.07 -10.69 14.98
CA ILE A 513 12.59 -11.59 13.91
C ILE A 513 14.08 -11.79 14.16
N TRP A 514 14.50 -13.04 14.37
CA TRP A 514 15.90 -13.36 14.78
C TRP A 514 16.74 -14.05 13.72
N GLY A 515 16.18 -14.96 12.94
CA GLY A 515 17.06 -15.73 12.03
C GLY A 515 17.59 -17.00 12.71
N LYS A 516 17.86 -18.04 11.94
CA LYS A 516 18.06 -19.41 12.48
C LYS A 516 19.27 -19.48 13.40
N ASN A 517 20.30 -18.65 13.24
CA ASN A 517 21.51 -18.73 14.09
C ASN A 517 21.15 -18.28 15.52
N ARG A 518 20.12 -17.46 15.73
CA ARG A 518 19.80 -16.89 17.07
C ARG A 518 18.41 -17.25 17.62
N ARG A 519 17.48 -17.94 16.97
CA ARG A 519 16.18 -18.18 17.68
C ARG A 519 16.25 -19.47 18.53
N MET B 1 -3.11 -32.94 -29.29
CA MET B 1 -4.35 -32.25 -28.84
C MET B 1 -4.32 -32.21 -27.29
N ALA B 2 -4.23 -33.35 -26.58
CA ALA B 2 -4.28 -33.40 -25.10
C ALA B 2 -3.02 -32.76 -24.52
N ALA B 3 -3.13 -32.25 -23.29
CA ALA B 3 -2.04 -31.55 -22.58
C ALA B 3 -0.95 -32.58 -22.31
N PRO B 4 0.33 -32.19 -22.41
CA PRO B 4 1.40 -33.04 -21.94
C PRO B 4 1.53 -32.99 -20.42
N LEU B 5 2.11 -34.03 -19.84
CA LEU B 5 2.63 -33.98 -18.45
C LEU B 5 3.65 -32.86 -18.32
N PRO B 6 3.71 -32.17 -17.15
CA PRO B 6 4.76 -31.21 -16.90
C PRO B 6 6.11 -31.95 -16.81
N GLU B 7 7.17 -31.31 -17.27
CA GLU B 7 8.52 -31.92 -17.28
C GLU B 7 8.90 -32.33 -15.85
N GLY B 8 9.38 -33.57 -15.70
CA GLY B 8 9.85 -34.08 -14.41
C GLY B 8 8.75 -34.74 -13.63
N VAL B 9 7.55 -34.81 -14.18
CA VAL B 9 6.42 -35.48 -13.48
C VAL B 9 5.98 -36.71 -14.29
N SER B 10 5.98 -37.88 -13.64
CA SER B 10 5.63 -39.16 -14.30
C SER B 10 4.11 -39.29 -14.35
N ALA B 11 3.61 -40.16 -15.24
CA ALA B 11 2.18 -40.49 -15.36
C ALA B 11 1.69 -40.96 -14.01
N GLU B 12 2.55 -41.68 -13.28
CA GLU B 12 2.17 -42.32 -11.99
C GLU B 12 2.02 -41.24 -10.91
N ALA B 13 2.98 -40.32 -10.80
CA ALA B 13 2.92 -39.19 -9.87
C ALA B 13 1.69 -38.33 -10.18
N MET B 14 1.42 -38.01 -11.45
CA MET B 14 0.21 -37.22 -11.83
C MET B 14 -1.05 -37.96 -11.41
N SER B 15 -1.10 -39.27 -11.71
CA SER B 15 -2.31 -40.07 -11.49
C SER B 15 -2.58 -40.19 -9.97
N SER B 16 -1.54 -40.37 -9.17
CA SER B 16 -1.65 -40.44 -7.70
C SER B 16 -2.11 -39.07 -7.16
N ALA B 17 -1.62 -37.97 -7.74
CA ALA B 17 -2.02 -36.62 -7.31
C ALA B 17 -3.49 -36.42 -7.61
N LEU B 18 -3.94 -36.77 -8.81
CA LEU B 18 -5.36 -36.52 -9.17
C LEU B 18 -6.32 -37.40 -8.33
N ASP B 19 -5.99 -38.67 -8.01
CA ASP B 19 -6.80 -39.49 -7.05
C ASP B 19 -6.88 -38.75 -5.69
N ARG B 20 -5.76 -38.25 -5.17
CA ARG B 20 -5.74 -37.60 -3.85
C ARG B 20 -6.60 -36.33 -3.92
N PHE B 21 -6.50 -35.56 -4.99
CA PHE B 21 -7.34 -34.35 -5.18
C PHE B 21 -8.80 -34.75 -5.10
N ALA B 22 -9.19 -35.83 -5.78
CA ALA B 22 -10.61 -36.30 -5.81
C ALA B 22 -11.06 -36.71 -4.41
N ARG B 23 -10.21 -37.28 -3.59
CA ARG B 23 -10.54 -37.63 -2.18
C ARG B 23 -10.77 -36.36 -1.36
N ILE B 24 -10.00 -35.31 -1.64
CA ILE B 24 -10.11 -34.04 -0.89
C ILE B 24 -11.38 -33.29 -1.26
N VAL B 25 -11.68 -33.11 -2.53
CA VAL B 25 -12.77 -32.24 -3.01
C VAL B 25 -14.02 -33.03 -3.41
N GLY B 26 -13.87 -34.32 -3.65
CA GLY B 26 -14.92 -35.12 -4.28
C GLY B 26 -14.64 -35.33 -5.76
N ALA B 27 -14.98 -36.52 -6.28
CA ALA B 27 -14.70 -36.87 -7.68
C ALA B 27 -15.40 -35.90 -8.62
N ASP B 28 -16.53 -35.30 -8.25
CA ASP B 28 -17.23 -34.37 -9.20
C ASP B 28 -16.41 -33.08 -9.48
N TRP B 29 -15.39 -32.77 -8.71
CA TRP B 29 -14.69 -31.42 -8.77
C TRP B 29 -13.23 -31.57 -9.15
N VAL B 30 -12.88 -32.69 -9.82
CA VAL B 30 -11.59 -32.87 -10.52
C VAL B 30 -11.94 -33.03 -11.99
N PHE B 31 -11.46 -32.14 -12.85
CA PHE B 31 -11.82 -32.04 -14.27
C PHE B 31 -10.61 -32.47 -15.09
N THR B 32 -10.72 -33.50 -15.94
CA THR B 32 -9.51 -34.04 -16.62
C THR B 32 -9.57 -34.09 -18.14
N GLU B 33 -10.70 -34.16 -18.82
CA GLU B 33 -10.41 -34.51 -20.26
C GLU B 33 -11.18 -33.59 -21.18
N ASP B 34 -12.42 -33.97 -21.50
CA ASP B 34 -13.38 -33.14 -22.26
C ASP B 34 -13.74 -31.98 -21.35
N LYS B 35 -13.59 -32.19 -20.04
CA LYS B 35 -14.06 -31.18 -19.08
C LYS B 35 -12.96 -30.14 -18.84
N ILE B 36 -11.81 -30.18 -19.51
CA ILE B 36 -10.70 -29.19 -19.30
C ILE B 36 -10.97 -27.92 -20.12
N THR B 37 -11.86 -27.98 -21.10
CA THR B 37 -12.14 -26.91 -22.10
C THR B 37 -12.25 -25.52 -21.44
N PRO B 38 -13.03 -25.33 -20.36
CA PRO B 38 -13.17 -23.99 -19.77
C PRO B 38 -11.85 -23.41 -19.22
N TYR B 39 -10.82 -24.25 -19.04
CA TYR B 39 -9.55 -23.81 -18.40
C TYR B 39 -8.53 -23.45 -19.47
N GLU B 40 -8.87 -23.73 -20.73
CA GLU B 40 -7.98 -23.33 -21.86
C GLU B 40 -8.13 -21.80 -21.98
N ASP B 41 -7.07 -21.13 -22.41
CA ASP B 41 -7.16 -19.69 -22.73
C ASP B 41 -8.21 -19.52 -23.81
N PRO B 42 -9.29 -18.73 -23.61
CA PRO B 42 -10.27 -18.54 -24.68
C PRO B 42 -9.73 -17.78 -25.89
N TYR B 43 -8.71 -16.93 -25.67
CA TYR B 43 -8.15 -16.05 -26.72
C TYR B 43 -6.73 -16.52 -27.04
N THR B 44 -6.67 -17.66 -27.72
CA THR B 44 -5.43 -18.33 -28.18
C THR B 44 -4.49 -17.31 -28.86
N ILE B 45 -3.20 -17.45 -28.60
CA ILE B 45 -2.14 -16.69 -29.33
C ILE B 45 -1.17 -17.68 -30.00
N SER B 46 -0.61 -18.62 -29.25
CA SER B 46 0.36 -19.59 -29.79
C SER B 46 -0.28 -20.39 -30.93
N ASN B 47 0.50 -20.75 -31.95
CA ASN B 47 0.11 -21.77 -32.97
C ASN B 47 0.68 -23.15 -32.59
N ASP B 48 1.36 -23.22 -31.45
CA ASP B 48 1.90 -24.47 -30.88
C ASP B 48 0.91 -24.98 -29.83
N GLU B 49 0.19 -26.02 -30.20
CA GLU B 49 -0.85 -26.68 -29.36
C GLU B 49 -0.26 -27.36 -28.11
N THR B 50 1.07 -27.45 -27.94
CA THR B 50 1.66 -27.99 -26.69
C THR B 50 1.80 -26.88 -25.61
N GLU B 51 1.52 -25.61 -25.91
CA GLU B 51 1.82 -24.48 -24.99
C GLU B 51 0.58 -24.02 -24.21
N HIS B 52 0.79 -23.69 -22.92
CA HIS B 52 -0.24 -23.08 -22.02
C HIS B 52 -1.41 -24.03 -21.83
N ARG B 53 -1.14 -25.34 -21.82
CA ARG B 53 -2.18 -26.37 -21.74
C ARG B 53 -2.29 -26.88 -20.30
N PRO B 54 -3.42 -26.64 -19.60
CA PRO B 54 -3.62 -27.21 -18.28
C PRO B 54 -3.85 -28.73 -18.39
N TYR B 55 -3.28 -29.49 -17.47
CA TYR B 55 -3.44 -30.96 -17.47
C TYR B 55 -4.81 -31.34 -16.93
N ALA B 56 -5.29 -30.57 -15.97
CA ALA B 56 -6.53 -30.86 -15.25
C ALA B 56 -6.85 -29.62 -14.41
N ALA B 57 -7.98 -29.66 -13.72
CA ALA B 57 -8.38 -28.62 -12.78
C ALA B 57 -9.00 -29.29 -11.57
N VAL B 58 -8.88 -28.63 -10.43
CA VAL B 58 -9.45 -29.10 -9.15
C VAL B 58 -10.14 -27.88 -8.53
N ALA B 59 -11.37 -28.09 -8.04
CA ALA B 59 -12.25 -27.00 -7.56
C ALA B 59 -12.62 -27.20 -6.09
N PRO B 60 -11.73 -26.75 -5.16
CA PRO B 60 -12.00 -26.87 -3.73
C PRO B 60 -13.13 -25.96 -3.24
N ALA B 61 -13.68 -26.29 -2.05
CA ALA B 61 -14.78 -25.47 -1.46
C ALA B 61 -14.37 -24.96 -0.08
N SER B 62 -13.16 -25.16 0.40
CA SER B 62 -12.73 -24.59 1.69
C SER B 62 -11.24 -24.36 1.70
N THR B 63 -10.76 -23.54 2.63
CA THR B 63 -9.33 -23.31 2.88
C THR B 63 -8.69 -24.65 3.21
N GLU B 64 -9.30 -25.44 4.10
CA GLU B 64 -8.74 -26.77 4.42
C GLU B 64 -8.51 -27.56 3.12
N GLU B 65 -9.45 -27.55 2.19
CA GLU B 65 -9.28 -28.34 0.92
C GLU B 65 -8.10 -27.76 0.13
N VAL B 66 -7.93 -26.43 0.12
CA VAL B 66 -6.77 -25.82 -0.58
C VAL B 66 -5.48 -26.34 0.10
N GLN B 67 -5.41 -26.32 1.42
CA GLN B 67 -4.20 -26.76 2.16
C GLN B 67 -3.85 -28.19 1.72
N GLU B 68 -4.86 -29.07 1.71
CA GLU B 68 -4.65 -30.51 1.43
C GLU B 68 -4.18 -30.67 -0.02
N ILE B 69 -4.76 -29.92 -0.94
CA ILE B 69 -4.31 -29.92 -2.36
C ILE B 69 -2.85 -29.50 -2.43
N VAL B 70 -2.47 -28.43 -1.71
CA VAL B 70 -1.09 -27.94 -1.77
C VAL B 70 -0.14 -29.00 -1.17
N ARG B 71 -0.53 -29.64 -0.07
CA ARG B 71 0.31 -30.71 0.54
C ARG B 71 0.53 -31.86 -0.45
N VAL B 72 -0.52 -32.28 -1.15
CA VAL B 72 -0.47 -33.38 -2.15
C VAL B 72 0.44 -32.96 -3.31
N ALA B 73 0.27 -31.74 -3.81
CA ALA B 73 1.14 -31.18 -4.87
C ALA B 73 2.60 -31.31 -4.46
N ASN B 74 2.96 -30.92 -3.25
CA ASN B 74 4.35 -31.05 -2.76
C ASN B 74 4.80 -32.52 -2.77
N GLU B 75 3.94 -33.42 -2.32
CA GLU B 75 4.27 -34.85 -2.19
C GLU B 75 4.60 -35.44 -3.58
N PHE B 76 3.87 -35.08 -4.63
CA PHE B 76 4.05 -35.68 -5.97
C PHE B 76 4.74 -34.77 -6.97
N GLY B 77 5.14 -33.56 -6.57
CA GLY B 77 5.85 -32.64 -7.49
C GLY B 77 4.93 -32.13 -8.59
N VAL B 78 3.62 -32.05 -8.34
CA VAL B 78 2.61 -31.66 -9.35
C VAL B 78 2.32 -30.17 -9.18
N PRO B 79 2.68 -29.31 -10.16
CA PRO B 79 2.48 -27.87 -10.04
C PRO B 79 1.01 -27.47 -10.23
N LEU B 80 0.62 -26.44 -9.50
CA LEU B 80 -0.75 -25.89 -9.49
C LEU B 80 -0.80 -24.49 -10.10
N TRP B 81 -1.93 -24.08 -10.65
CA TRP B 81 -2.12 -22.70 -11.14
C TRP B 81 -3.33 -22.12 -10.42
N PRO B 82 -3.15 -21.43 -9.27
CA PRO B 82 -4.29 -20.94 -8.51
C PRO B 82 -5.00 -19.79 -9.21
N VAL B 83 -6.31 -19.89 -9.27
CA VAL B 83 -7.17 -18.79 -9.81
C VAL B 83 -8.34 -18.59 -8.85
N SER B 84 -8.86 -17.38 -8.76
CA SER B 84 -9.99 -17.05 -7.85
C SER B 84 -11.28 -17.38 -8.59
N ARG B 85 -11.44 -16.76 -9.77
CA ARG B 85 -12.54 -17.12 -10.68
C ARG B 85 -12.02 -17.47 -12.08
N GLY B 86 -10.78 -17.07 -12.42
CA GLY B 86 -10.16 -17.54 -13.68
C GLY B 86 -10.68 -16.80 -14.91
N LYS B 87 -11.21 -15.60 -14.72
CA LYS B 87 -11.77 -14.79 -15.84
C LYS B 87 -10.75 -13.79 -16.35
N ASN B 88 -9.47 -14.13 -16.26
CA ASN B 88 -8.41 -13.19 -16.66
C ASN B 88 -8.30 -13.18 -18.20
N PHE B 89 -9.43 -12.95 -18.87
CA PHE B 89 -9.50 -12.82 -20.35
C PHE B 89 -8.64 -11.67 -20.84
N ALA B 90 -7.91 -11.94 -21.93
CA ALA B 90 -6.88 -11.10 -22.57
C ALA B 90 -5.51 -11.26 -21.91
N TYR B 91 -5.41 -11.98 -20.78
CA TYR B 91 -4.12 -12.28 -20.10
C TYR B 91 -3.97 -13.79 -19.90
N GLY B 92 -4.84 -14.61 -20.52
CA GLY B 92 -4.69 -16.07 -20.59
C GLY B 92 -5.91 -16.81 -20.07
N GLY B 93 -6.91 -16.10 -19.55
CA GLY B 93 -8.02 -16.73 -18.84
C GLY B 93 -7.53 -17.48 -17.60
N ALA B 94 -7.91 -18.75 -17.49
CA ALA B 94 -7.49 -19.65 -16.37
C ALA B 94 -6.28 -20.52 -16.74
N ALA B 95 -5.70 -20.33 -17.94
CA ALA B 95 -4.63 -21.22 -18.44
C ALA B 95 -3.30 -20.89 -17.75
N PRO B 96 -2.47 -21.92 -17.50
CA PRO B 96 -1.15 -21.72 -16.93
C PRO B 96 -0.05 -21.40 -17.94
N VAL B 97 1.00 -20.76 -17.42
CA VAL B 97 2.21 -20.52 -18.23
C VAL B 97 2.75 -21.83 -18.75
N MET B 98 2.91 -22.80 -17.85
CA MET B 98 3.63 -24.06 -18.15
C MET B 98 2.60 -25.17 -18.40
N SER B 99 2.57 -25.75 -19.61
CA SER B 99 1.70 -26.93 -19.90
C SER B 99 1.95 -28.02 -18.87
N GLY B 100 0.89 -28.73 -18.51
CA GLY B 100 0.97 -29.83 -17.55
C GLY B 100 0.57 -29.37 -16.16
N THR B 101 0.60 -28.05 -15.90
CA THR B 101 0.14 -27.49 -14.60
C THR B 101 -1.36 -27.83 -14.43
N VAL B 102 -1.75 -28.08 -13.17
CA VAL B 102 -3.15 -28.33 -12.76
C VAL B 102 -3.75 -27.03 -12.26
N VAL B 103 -4.87 -26.58 -12.81
CA VAL B 103 -5.53 -25.35 -12.32
C VAL B 103 -6.17 -25.62 -10.95
N LEU B 104 -5.98 -24.72 -10.03
CA LEU B 104 -6.61 -24.75 -8.68
C LEU B 104 -7.66 -23.66 -8.74
N ASP B 105 -8.90 -24.06 -9.01
CA ASP B 105 -10.02 -23.15 -9.31
C ASP B 105 -10.81 -22.91 -8.03
N MET B 106 -10.78 -21.70 -7.47
CA MET B 106 -11.47 -21.39 -6.19
C MET B 106 -12.86 -20.78 -6.39
N ASN B 107 -13.47 -20.94 -7.55
CA ASN B 107 -14.84 -20.46 -7.86
C ASN B 107 -15.81 -20.84 -6.75
N ARG B 108 -15.75 -22.05 -6.20
CA ARG B 108 -16.78 -22.57 -5.28
C ARG B 108 -16.56 -22.01 -3.90
N MET B 109 -15.41 -21.39 -3.65
CA MET B 109 -15.16 -20.65 -2.39
C MET B 109 -15.73 -19.24 -2.56
N ASN B 110 -17.06 -19.10 -2.47
CA ASN B 110 -17.76 -17.86 -2.84
C ASN B 110 -18.55 -17.28 -1.66
N ARG B 111 -18.08 -17.48 -0.44
CA ARG B 111 -18.69 -16.90 0.77
C ARG B 111 -18.31 -15.42 0.88
N ILE B 112 -19.33 -14.58 1.05
CA ILE B 112 -19.16 -13.19 1.53
C ILE B 112 -19.18 -13.25 3.06
N LEU B 113 -18.02 -13.17 3.71
CA LEU B 113 -17.95 -13.41 5.17
C LEU B 113 -18.60 -12.25 5.90
N GLU B 114 -18.35 -11.03 5.43
CA GLU B 114 -18.90 -9.83 6.07
C GLU B 114 -18.95 -8.69 5.06
N VAL B 115 -20.00 -7.91 5.08
CA VAL B 115 -19.95 -6.52 4.53
C VAL B 115 -20.32 -5.59 5.67
N ASN B 116 -19.45 -4.64 5.97
CA ASN B 116 -19.61 -3.75 7.14
C ASN B 116 -19.90 -2.34 6.65
N GLU B 117 -21.10 -1.85 6.90
CA GLU B 117 -21.52 -0.54 6.40
C GLU B 117 -20.78 0.55 7.19
N GLU B 118 -20.71 0.44 8.50
CA GLU B 118 -20.20 1.48 9.41
C GLU B 118 -18.72 1.74 9.12
N PHE B 119 -17.96 0.70 8.81
CA PHE B 119 -16.54 0.89 8.46
C PHE B 119 -16.25 0.82 6.97
N GLY B 120 -17.26 0.53 6.15
CA GLY B 120 -17.06 0.45 4.69
C GLY B 120 -15.99 -0.56 4.30
N TYR B 121 -16.26 -1.83 4.49
CA TYR B 121 -15.37 -2.93 3.99
C TYR B 121 -16.19 -4.18 3.73
N ALA B 122 -15.58 -5.05 2.95
CA ALA B 122 -16.03 -6.46 2.74
C ALA B 122 -14.88 -7.42 3.05
N LEU B 123 -15.23 -8.59 3.57
CA LEU B 123 -14.28 -9.72 3.71
C LEU B 123 -14.86 -10.85 2.86
N VAL B 124 -14.13 -11.26 1.83
CA VAL B 124 -14.64 -12.20 0.80
C VAL B 124 -13.66 -13.32 0.53
N GLU B 125 -14.23 -14.42 0.08
CA GLU B 125 -13.49 -15.54 -0.50
C GLU B 125 -13.30 -15.28 -1.99
N PRO B 126 -12.36 -16.01 -2.62
CA PRO B 126 -11.93 -15.70 -3.98
C PRO B 126 -12.98 -15.89 -5.08
N GLY B 127 -13.94 -16.80 -4.85
CA GLY B 127 -14.96 -17.08 -5.86
C GLY B 127 -16.04 -16.02 -5.90
N VAL B 128 -16.05 -15.05 -4.98
CA VAL B 128 -17.05 -13.95 -4.98
C VAL B 128 -16.84 -13.04 -6.22
N SER B 129 -17.85 -12.92 -7.06
CA SER B 129 -17.84 -12.06 -8.26
C SER B 129 -18.24 -10.63 -7.90
N TYR B 130 -17.91 -9.67 -8.76
CA TYR B 130 -18.44 -8.31 -8.58
C TYR B 130 -19.99 -8.36 -8.58
N PHE B 131 -20.61 -9.11 -9.48
CA PHE B 131 -22.10 -9.24 -9.51
C PHE B 131 -22.60 -9.69 -8.12
N GLU B 132 -21.94 -10.69 -7.53
CA GLU B 132 -22.41 -11.28 -6.27
C GLU B 132 -22.28 -10.28 -5.12
N LEU B 133 -21.17 -9.58 -5.06
CA LEU B 133 -20.97 -8.61 -3.96
C LEU B 133 -21.97 -7.46 -4.14
N TYR B 134 -22.11 -6.95 -5.35
CA TYR B 134 -23.07 -5.87 -5.64
C TYR B 134 -24.48 -6.29 -5.23
N ASP B 135 -24.89 -7.48 -5.64
CA ASP B 135 -26.26 -7.94 -5.32
C ASP B 135 -26.46 -8.09 -3.82
N TYR B 136 -25.49 -8.61 -3.09
CA TYR B 136 -25.54 -8.76 -1.62
C TYR B 136 -25.82 -7.38 -0.98
N ILE B 137 -25.04 -6.39 -1.41
CA ILE B 137 -25.14 -5.01 -0.86
C ILE B 137 -26.53 -4.42 -1.13
N GLN B 138 -27.04 -4.55 -2.35
CA GLN B 138 -28.40 -4.06 -2.73
C GLN B 138 -29.47 -4.78 -1.90
N GLU B 139 -29.39 -6.11 -1.79
CA GLU B 139 -30.34 -6.94 -1.02
C GLU B 139 -30.34 -6.53 0.46
N LYS B 140 -29.18 -6.25 1.05
CA LYS B 140 -29.07 -5.92 2.46
C LYS B 140 -29.38 -4.42 2.67
N GLY B 141 -29.51 -3.62 1.61
CA GLY B 141 -29.81 -2.19 1.69
C GLY B 141 -28.64 -1.38 2.23
N LEU B 142 -27.39 -1.84 2.03
CA LEU B 142 -26.20 -1.20 2.66
C LEU B 142 -25.79 -0.01 1.78
N LYS B 143 -25.40 1.10 2.39
CA LYS B 143 -25.10 2.34 1.65
C LYS B 143 -23.62 2.38 1.29
N LEU B 144 -23.22 1.39 0.50
CA LEU B 144 -21.85 1.22 0.02
C LEU B 144 -21.87 1.03 -1.46
N TRP B 145 -20.81 1.55 -2.08
CA TRP B 145 -20.51 1.27 -3.49
C TRP B 145 -19.31 0.34 -3.56
N ILE B 146 -19.25 -0.52 -4.60
CA ILE B 146 -18.06 -1.31 -4.92
C ILE B 146 -17.35 -0.59 -6.05
N ASP B 147 -16.22 -1.14 -6.45
CA ASP B 147 -15.44 -0.59 -7.56
C ASP B 147 -15.23 -1.75 -8.51
N VAL B 148 -15.69 -1.59 -9.75
CA VAL B 148 -15.74 -2.70 -10.73
C VAL B 148 -14.79 -2.43 -11.86
N PRO B 149 -14.11 -3.49 -12.36
CA PRO B 149 -13.48 -3.42 -13.67
C PRO B 149 -14.64 -3.43 -14.70
N ASP B 150 -14.33 -3.40 -16.00
CA ASP B 150 -15.36 -3.37 -17.08
C ASP B 150 -16.24 -4.63 -17.08
N LEU B 151 -15.71 -5.80 -16.73
CA LEU B 151 -16.50 -7.06 -16.72
C LEU B 151 -16.80 -7.47 -15.27
N GLY B 152 -18.09 -7.51 -14.93
CA GLY B 152 -18.52 -7.80 -13.55
C GLY B 152 -18.42 -9.27 -13.20
N TRP B 153 -18.09 -10.17 -14.13
CA TRP B 153 -18.03 -11.62 -13.82
C TRP B 153 -16.70 -11.98 -13.16
N GLY B 154 -15.78 -11.02 -13.00
CA GLY B 154 -14.46 -11.27 -12.39
C GLY B 154 -14.54 -11.40 -10.90
N SER B 155 -13.42 -11.70 -10.29
CA SER B 155 -13.24 -11.90 -8.83
C SER B 155 -12.81 -10.61 -8.14
N VAL B 156 -13.50 -10.21 -7.09
CA VAL B 156 -13.04 -9.12 -6.20
C VAL B 156 -11.59 -9.38 -5.75
N VAL B 157 -11.30 -10.60 -5.35
CA VAL B 157 -9.94 -11.02 -4.92
C VAL B 157 -8.97 -11.11 -6.10
N GLY B 158 -9.28 -11.91 -7.11
CA GLY B 158 -8.34 -12.25 -8.19
C GLY B 158 -7.93 -11.02 -8.96
N ASN B 159 -8.90 -10.16 -9.27
CA ASN B 159 -8.58 -8.92 -10.00
C ASN B 159 -7.64 -8.05 -9.15
N ALA B 160 -7.89 -7.87 -7.84
CA ALA B 160 -7.05 -7.01 -7.01
C ALA B 160 -5.63 -7.60 -7.00
N LEU B 161 -5.55 -8.94 -6.84
CA LEU B 161 -4.24 -9.60 -6.74
C LEU B 161 -3.46 -9.41 -8.03
N ASP B 162 -4.11 -9.27 -9.19
CA ASP B 162 -3.38 -9.04 -10.46
C ASP B 162 -3.18 -7.53 -10.67
N HIS B 163 -3.37 -6.71 -9.66
CA HIS B 163 -3.21 -5.23 -9.70
C HIS B 163 -4.23 -4.58 -10.65
N GLY B 164 -5.44 -5.14 -10.68
CA GLY B 164 -6.55 -4.67 -11.49
C GLY B 164 -7.03 -3.27 -11.12
N ILE B 165 -7.75 -2.69 -12.08
CA ILE B 165 -8.25 -1.31 -11.92
C ILE B 165 -9.74 -1.21 -12.28
N GLY B 166 -10.38 -0.28 -11.60
CA GLY B 166 -11.73 0.22 -11.95
C GLY B 166 -11.77 1.74 -11.92
N TYR B 167 -12.97 2.31 -11.76
CA TYR B 167 -13.30 3.63 -12.34
C TYR B 167 -14.01 4.52 -11.33
N THR B 168 -13.96 4.21 -10.03
CA THR B 168 -14.43 5.12 -8.96
C THR B 168 -13.23 5.68 -8.23
N PRO B 169 -13.38 6.46 -7.12
CA PRO B 169 -12.23 6.81 -6.31
C PRO B 169 -11.49 5.60 -5.71
N TYR B 170 -12.13 4.42 -5.69
CA TYR B 170 -11.54 3.17 -5.12
C TYR B 170 -11.02 2.29 -6.26
N GLY B 171 -10.62 2.94 -7.37
CA GLY B 171 -10.23 2.26 -8.61
C GLY B 171 -8.90 1.50 -8.54
N ASP B 172 -8.07 1.76 -7.54
CA ASP B 172 -6.83 0.95 -7.40
C ASP B 172 -7.12 -0.22 -6.48
N HIS B 173 -7.47 -1.34 -7.06
CA HIS B 173 -8.16 -2.42 -6.29
C HIS B 173 -7.23 -2.96 -5.22
N PHE B 174 -5.99 -3.25 -5.59
CA PHE B 174 -5.07 -3.78 -4.59
C PHE B 174 -4.79 -2.75 -3.48
N ALA B 175 -4.75 -1.43 -3.77
CA ALA B 175 -4.50 -0.40 -2.75
C ALA B 175 -5.64 -0.42 -1.71
N MET B 176 -6.83 -0.88 -2.07
CA MET B 176 -8.00 -0.89 -1.15
C MET B 176 -8.03 -2.19 -0.31
N GLN B 177 -7.06 -3.10 -0.53
CA GLN B 177 -7.01 -4.40 0.18
C GLN B 177 -6.60 -4.16 1.63
N CYS B 178 -7.19 -4.92 2.54
CA CYS B 178 -6.83 -4.81 3.96
C CYS B 178 -7.07 -6.17 4.62
N GLY B 179 -5.99 -6.85 5.01
CA GLY B 179 -6.02 -8.19 5.62
C GLY B 179 -6.18 -9.28 4.56
N MET B 180 -5.47 -10.37 4.71
CA MET B 180 -5.68 -11.55 3.83
C MET B 180 -5.29 -12.80 4.59
N GLU B 181 -5.91 -13.90 4.19
CA GLU B 181 -5.53 -15.26 4.62
C GLU B 181 -4.86 -15.93 3.42
N VAL B 182 -3.71 -16.54 3.67
CA VAL B 182 -2.85 -17.13 2.63
C VAL B 182 -2.50 -18.57 3.04
N VAL B 183 -2.70 -19.46 2.09
CA VAL B 183 -2.12 -20.82 2.16
C VAL B 183 -0.73 -20.73 1.53
N LEU B 184 0.30 -20.87 2.36
CA LEU B 184 1.72 -20.79 1.93
C LEU B 184 1.98 -22.06 1.12
N PRO B 185 3.06 -22.07 0.33
CA PRO B 185 3.32 -23.20 -0.55
C PRO B 185 3.61 -24.52 0.20
N ASN B 186 3.84 -24.50 1.51
CA ASN B 186 4.00 -25.73 2.33
C ASN B 186 2.67 -26.23 2.87
N GLY B 187 1.56 -25.59 2.52
CA GLY B 187 0.22 -25.93 3.00
C GLY B 187 -0.15 -25.32 4.35
N GLU B 188 0.70 -24.52 4.97
CA GLU B 188 0.35 -23.82 6.25
C GLU B 188 -0.46 -22.55 5.93
N VAL B 189 -1.32 -22.16 6.85
CA VAL B 189 -2.20 -20.99 6.68
C VAL B 189 -1.71 -19.85 7.59
N VAL B 190 -1.60 -18.62 7.04
CA VAL B 190 -1.28 -17.38 7.80
C VAL B 190 -2.38 -16.35 7.54
N ARG B 191 -2.54 -15.43 8.50
CA ARG B 191 -3.38 -14.23 8.34
C ARG B 191 -2.47 -13.01 8.55
N THR B 192 -2.56 -12.07 7.63
CA THR B 192 -1.72 -10.86 7.67
C THR B 192 -2.33 -9.82 8.58
N GLY B 193 -1.52 -8.83 8.92
CA GLY B 193 -1.96 -7.63 9.60
C GLY B 193 -2.56 -7.96 10.93
N MET B 194 -3.69 -7.34 11.23
CA MET B 194 -4.31 -7.53 12.55
C MET B 194 -4.95 -8.92 12.63
N GLY B 195 -5.01 -9.65 11.51
CA GLY B 195 -5.59 -11.01 11.50
C GLY B 195 -4.70 -11.97 12.27
N ALA B 196 -3.43 -11.63 12.46
CA ALA B 196 -2.48 -12.42 13.26
C ALA B 196 -2.74 -12.29 14.77
N MET B 197 -3.56 -11.34 15.21
CA MET B 197 -3.92 -11.10 16.66
C MET B 197 -5.14 -11.97 16.97
N PRO B 198 -5.04 -13.02 17.80
CA PRO B 198 -6.25 -13.78 18.16
C PRO B 198 -7.28 -12.87 18.81
N GLY B 199 -8.54 -12.99 18.40
CA GLY B 199 -9.66 -12.20 18.94
C GLY B 199 -9.65 -10.75 18.52
N ASN B 200 -8.92 -10.39 17.45
CA ASN B 200 -8.88 -9.00 16.95
C ASN B 200 -10.26 -8.57 16.47
N ASN B 201 -10.46 -7.26 16.37
CA ASN B 201 -11.63 -6.67 15.71
C ASN B 201 -11.12 -5.62 14.72
N THR B 202 -9.95 -5.84 14.11
CA THR B 202 -9.30 -4.79 13.31
C THR B 202 -8.71 -5.33 12.00
N TRP B 203 -8.96 -6.59 11.63
CA TRP B 203 -8.33 -7.21 10.41
C TRP B 203 -8.59 -6.37 9.15
N GLN B 204 -9.81 -5.89 9.00
CA GLN B 204 -10.25 -5.07 7.84
C GLN B 204 -10.16 -3.56 8.15
N LEU B 205 -9.59 -3.15 9.27
CA LEU B 205 -9.53 -1.72 9.68
C LEU B 205 -8.10 -1.13 9.57
N PHE B 206 -7.08 -1.91 9.82
CA PHE B 206 -5.68 -1.40 9.81
C PHE B 206 -4.82 -2.37 8.98
N LYS B 207 -4.27 -1.87 7.89
CA LYS B 207 -3.50 -2.72 6.93
C LYS B 207 -2.28 -3.38 7.61
N TYR B 208 -1.43 -2.65 8.34
CA TYR B 208 -0.04 -3.15 8.57
C TYR B 208 0.01 -4.28 9.60
N GLY B 209 -0.80 -4.23 10.64
CA GLY B 209 -0.44 -4.98 11.86
C GLY B 209 0.91 -4.53 12.37
N TYR B 210 1.76 -5.49 12.67
CA TYR B 210 3.09 -5.25 13.26
C TYR B 210 4.12 -6.03 12.45
N GLY B 211 5.28 -5.42 12.23
CA GLY B 211 6.37 -6.12 11.55
C GLY B 211 6.29 -5.95 10.04
N PRO B 212 7.02 -6.80 9.29
CA PRO B 212 7.08 -6.62 7.85
C PRO B 212 5.66 -6.63 7.24
N TYR B 213 5.45 -5.73 6.27
CA TYR B 213 4.14 -5.57 5.61
C TYR B 213 4.18 -6.43 4.36
N VAL B 214 3.62 -7.62 4.40
CA VAL B 214 3.83 -8.70 3.38
C VAL B 214 2.65 -8.88 2.45
N ASP B 215 1.50 -8.20 2.61
CA ASP B 215 0.32 -8.50 1.77
C ASP B 215 0.71 -8.46 0.30
N GLY B 216 1.45 -7.42 -0.11
CA GLY B 216 1.76 -7.21 -1.52
C GLY B 216 2.56 -8.35 -2.12
N ILE B 217 3.27 -9.18 -1.33
CA ILE B 217 4.12 -10.22 -1.97
C ILE B 217 3.23 -11.33 -2.52
N PHE B 218 1.94 -11.36 -2.17
CA PHE B 218 1.00 -12.40 -2.67
C PHE B 218 0.22 -11.85 -3.87
N SER B 219 0.53 -10.61 -4.30
CA SER B 219 -0.07 -10.02 -5.52
C SER B 219 0.88 -10.22 -6.72
N GLN B 220 0.32 -10.43 -7.92
CA GLN B 220 1.08 -10.81 -9.13
C GLN B 220 2.20 -11.80 -8.76
N SER B 221 1.82 -12.85 -8.06
CA SER B 221 2.78 -13.69 -7.33
C SER B 221 2.44 -15.20 -7.41
N ASN B 222 3.43 -16.02 -7.07
CA ASN B 222 3.26 -17.49 -6.90
C ASN B 222 3.86 -17.86 -5.54
N PHE B 223 3.76 -16.97 -4.55
CA PHE B 223 4.33 -17.19 -3.20
C PHE B 223 3.29 -17.80 -2.27
N GLY B 224 2.03 -17.85 -2.71
CA GLY B 224 0.97 -18.37 -1.85
C GLY B 224 -0.37 -18.39 -2.56
N VAL B 225 -1.35 -19.02 -1.91
CA VAL B 225 -2.75 -19.06 -2.39
C VAL B 225 -3.61 -18.24 -1.44
N VAL B 226 -4.18 -17.15 -1.94
CA VAL B 226 -5.00 -16.27 -1.09
C VAL B 226 -6.38 -16.89 -0.98
N THR B 227 -6.88 -17.09 0.25
CA THR B 227 -8.17 -17.80 0.47
C THR B 227 -9.20 -16.89 1.11
N LYS B 228 -8.80 -15.74 1.67
CA LYS B 228 -9.74 -14.71 2.18
C LYS B 228 -9.06 -13.36 1.99
N MET B 229 -9.81 -12.34 1.63
CA MET B 229 -9.22 -10.99 1.45
C MET B 229 -10.24 -9.96 1.91
N GLY B 230 -9.76 -8.98 2.66
CA GLY B 230 -10.54 -7.78 2.99
C GLY B 230 -10.35 -6.69 1.95
N ILE B 231 -11.36 -5.87 1.75
CA ILE B 231 -11.27 -4.74 0.77
C ILE B 231 -12.10 -3.59 1.32
N TRP B 232 -11.53 -2.41 1.33
CA TRP B 232 -12.31 -1.21 1.73
C TRP B 232 -13.32 -0.88 0.63
N LEU B 233 -14.45 -0.36 1.07
CA LEU B 233 -15.55 0.01 0.17
C LEU B 233 -15.93 1.47 0.42
N MET B 234 -16.26 2.18 -0.65
CA MET B 234 -16.62 3.61 -0.53
C MET B 234 -18.06 3.76 0.01
N PRO B 235 -18.24 4.58 1.06
CA PRO B 235 -19.59 4.95 1.48
C PRO B 235 -20.33 5.63 0.34
N GLU B 236 -21.63 5.36 0.21
CA GLU B 236 -22.42 6.01 -0.85
C GLU B 236 -22.27 7.53 -0.67
N PRO B 237 -21.86 8.27 -1.69
CA PRO B 237 -21.62 9.70 -1.53
C PRO B 237 -22.95 10.48 -1.58
N ALA B 238 -22.89 11.75 -1.25
CA ALA B 238 -24.08 12.64 -1.20
C ALA B 238 -24.45 13.10 -2.59
N GLY B 239 -23.64 12.84 -3.62
CA GLY B 239 -23.99 13.24 -4.99
C GLY B 239 -23.00 12.60 -5.96
N TYR B 240 -23.39 12.55 -7.20
CA TYR B 240 -22.71 11.83 -8.28
C TYR B 240 -23.07 12.46 -9.61
N ARG B 241 -22.08 12.92 -10.36
CA ARG B 241 -22.29 13.53 -11.70
C ARG B 241 -21.23 13.07 -12.67
N PRO B 242 -21.55 12.06 -13.49
CA PRO B 242 -20.64 11.63 -14.55
C PRO B 242 -20.61 12.63 -15.70
N TYR B 243 -19.48 12.68 -16.40
CA TYR B 243 -19.25 13.62 -17.50
C TYR B 243 -18.40 12.92 -18.56
N LEU B 244 -18.51 13.47 -19.77
CA LEU B 244 -17.66 13.12 -20.92
C LEU B 244 -17.14 14.41 -21.55
N ILE B 245 -15.82 14.50 -21.78
CA ILE B 245 -15.21 15.62 -22.55
C ILE B 245 -14.57 15.02 -23.79
N THR B 246 -14.97 15.42 -25.01
CA THR B 246 -14.44 14.84 -26.26
C THR B 246 -13.47 15.82 -26.93
N PHE B 247 -12.46 15.26 -27.59
CA PHE B 247 -11.41 16.04 -28.29
C PHE B 247 -11.41 15.56 -29.73
N GLU B 248 -11.34 16.53 -30.63
CA GLU B 248 -11.42 16.39 -32.12
C GLU B 248 -10.17 15.70 -32.69
N ASN B 249 -8.95 15.98 -32.18
CA ASN B 249 -7.68 15.67 -32.90
C ASN B 249 -6.89 14.60 -32.17
N GLU B 250 -6.34 13.60 -32.88
CA GLU B 250 -5.48 12.57 -32.20
C GLU B 250 -4.37 13.29 -31.42
N ASP B 251 -3.84 14.41 -31.91
CA ASP B 251 -2.65 15.04 -31.27
C ASP B 251 -3.08 15.85 -30.03
N ASP B 252 -4.39 16.03 -29.79
CA ASP B 252 -4.84 16.74 -28.58
C ASP B 252 -4.42 15.95 -27.33
N ILE B 253 -4.13 14.66 -27.41
CA ILE B 253 -3.82 13.89 -26.17
C ILE B 253 -2.59 14.51 -25.47
N GLU B 254 -1.72 15.19 -26.19
CA GLU B 254 -0.53 15.81 -25.56
C GLU B 254 -0.97 16.91 -24.60
N THR B 255 -1.68 17.93 -25.06
CA THR B 255 -2.11 19.03 -24.16
C THR B 255 -3.12 18.52 -23.12
N VAL B 256 -4.01 17.61 -23.52
CA VAL B 256 -5.04 17.05 -22.59
C VAL B 256 -4.31 16.43 -21.37
N THR B 257 -3.26 15.63 -21.61
CA THR B 257 -2.50 14.95 -20.53
C THR B 257 -1.81 15.99 -19.65
N GLU B 258 -1.22 17.03 -20.24
CA GLU B 258 -0.62 18.13 -19.46
C GLU B 258 -1.65 18.73 -18.49
N ARG B 259 -2.87 18.95 -18.97
CA ARG B 259 -3.94 19.55 -18.14
C ARG B 259 -4.48 18.57 -17.10
N LEU B 260 -4.51 17.26 -17.38
CA LEU B 260 -4.99 16.24 -16.40
C LEU B 260 -4.04 16.16 -15.20
N ARG B 261 -2.74 16.31 -15.42
CA ARG B 261 -1.74 16.07 -14.36
C ARG B 261 -2.06 16.88 -13.09
N PRO B 262 -2.10 18.23 -13.07
CA PRO B 262 -2.33 18.95 -11.82
C PRO B 262 -3.70 18.59 -11.18
N LEU B 263 -4.71 18.38 -12.02
CA LEU B 263 -6.08 18.01 -11.52
C LEU B 263 -6.01 16.66 -10.80
N LYS B 264 -5.31 15.66 -11.36
CA LYS B 264 -5.24 14.34 -10.69
C LYS B 264 -4.32 14.40 -9.45
N VAL B 265 -3.14 15.01 -9.57
CA VAL B 265 -2.17 15.02 -8.45
C VAL B 265 -2.83 15.69 -7.22
N ALA B 266 -3.69 16.69 -7.40
CA ALA B 266 -4.36 17.45 -6.33
C ALA B 266 -5.66 16.74 -5.93
N GLY B 267 -6.08 15.71 -6.66
CA GLY B 267 -7.32 14.98 -6.36
C GLY B 267 -8.59 15.71 -6.77
N VAL B 268 -8.51 16.69 -7.66
CA VAL B 268 -9.71 17.37 -8.22
C VAL B 268 -10.45 16.36 -9.12
N ILE B 269 -9.73 15.56 -9.88
CA ILE B 269 -10.32 14.37 -10.55
C ILE B 269 -10.30 13.25 -9.49
N GLN B 270 -11.46 12.87 -8.98
CA GLN B 270 -11.58 12.06 -7.74
C GLN B 270 -11.42 10.57 -8.06
N ASN B 271 -11.77 10.15 -9.27
CA ASN B 271 -11.83 8.70 -9.66
C ASN B 271 -10.66 8.34 -10.60
N GLY B 272 -10.51 7.04 -10.80
CA GLY B 272 -9.74 6.43 -11.90
C GLY B 272 -10.44 6.71 -13.21
N ALA B 273 -10.54 8.00 -13.55
CA ALA B 273 -11.12 8.46 -14.81
C ALA B 273 -10.29 7.89 -15.98
N THR B 274 -10.83 7.94 -17.20
CA THR B 274 -10.22 7.35 -18.40
C THR B 274 -10.22 8.33 -19.56
N VAL B 275 -9.24 8.20 -20.41
CA VAL B 275 -9.26 8.84 -21.75
C VAL B 275 -9.13 7.69 -22.77
N ARG B 276 -10.18 7.49 -23.56
CA ARG B 276 -10.34 6.30 -24.43
C ARG B 276 -10.32 6.79 -25.88
N SER B 277 -9.67 6.05 -26.75
CA SER B 277 -9.56 6.42 -28.17
C SER B 277 -10.93 6.16 -28.86
N LEU B 278 -11.16 6.82 -29.98
CA LEU B 278 -12.42 6.70 -30.77
C LEU B 278 -12.85 5.23 -30.95
N VAL B 279 -11.99 4.39 -31.48
CA VAL B 279 -12.48 3.06 -31.94
C VAL B 279 -12.86 2.26 -30.72
N LEU B 280 -12.11 2.40 -29.61
CA LEU B 280 -12.44 1.62 -28.39
C LEU B 280 -13.87 2.01 -27.98
N ASP B 281 -14.22 3.27 -28.08
CA ASP B 281 -15.54 3.77 -27.59
C ASP B 281 -16.62 3.50 -28.64
N ALA B 282 -16.31 3.63 -29.92
CA ALA B 282 -17.29 3.35 -30.99
C ALA B 282 -17.68 1.87 -30.96
N ALA B 283 -16.75 0.97 -30.67
CA ALA B 283 -16.96 -0.50 -30.76
C ALA B 283 -17.88 -1.02 -29.64
N ILE B 284 -18.18 -0.17 -28.65
CA ILE B 284 -19.15 -0.54 -27.57
C ILE B 284 -20.55 -0.56 -28.20
N THR B 285 -20.83 0.23 -29.21
CA THR B 285 -22.22 0.33 -29.77
C THR B 285 -22.27 0.12 -31.29
N ARG B 286 -21.13 0.00 -31.97
CA ARG B 286 -21.16 -0.15 -33.45
C ARG B 286 -20.10 -1.17 -33.88
N THR B 287 -20.18 -1.62 -35.13
CA THR B 287 -19.15 -2.47 -35.75
C THR B 287 -18.55 -1.74 -36.94
N LYS B 288 -17.34 -2.12 -37.29
CA LYS B 288 -16.57 -1.47 -38.36
C LYS B 288 -17.38 -1.48 -39.67
N SER B 289 -18.07 -2.60 -39.95
CA SER B 289 -18.83 -2.83 -41.21
C SER B 289 -19.97 -1.81 -41.33
N GLN B 290 -20.37 -1.14 -40.26
CA GLN B 290 -21.43 -0.10 -40.36
C GLN B 290 -20.86 1.19 -40.96
N TYR B 291 -19.54 1.31 -41.05
CA TYR B 291 -18.93 2.55 -41.58
C TYR B 291 -17.91 2.29 -42.68
N TYR B 292 -17.47 1.06 -42.88
CA TYR B 292 -16.29 0.77 -43.74
C TYR B 292 -16.38 -0.69 -44.22
N ASP B 293 -16.17 -0.91 -45.52
CA ASP B 293 -16.16 -2.26 -46.13
C ASP B 293 -14.74 -2.81 -46.18
N GLY B 294 -13.69 -2.03 -45.94
CA GLY B 294 -12.31 -2.51 -46.12
C GLY B 294 -11.90 -3.52 -45.05
N ASP B 295 -10.79 -4.23 -45.27
CA ASP B 295 -10.21 -5.20 -44.32
C ASP B 295 -9.17 -4.49 -43.45
N GLY B 296 -8.63 -3.38 -43.90
CA GLY B 296 -7.62 -2.72 -43.04
C GLY B 296 -8.21 -2.12 -41.77
N PRO B 297 -7.33 -1.45 -41.00
CA PRO B 297 -7.77 -0.44 -40.04
C PRO B 297 -8.42 0.73 -40.77
N ILE B 298 -9.18 1.51 -40.01
CA ILE B 298 -10.06 2.53 -40.62
C ILE B 298 -9.21 3.68 -41.11
N PRO B 299 -9.62 4.31 -42.23
CA PRO B 299 -9.00 5.53 -42.67
C PRO B 299 -9.59 6.74 -41.97
N PRO B 300 -8.97 7.93 -42.12
CA PRO B 300 -9.46 9.12 -41.43
C PRO B 300 -10.93 9.53 -41.67
N SER B 301 -11.42 9.42 -42.90
CA SER B 301 -12.82 9.79 -43.27
C SER B 301 -13.79 8.96 -42.42
N VAL B 302 -13.44 7.69 -42.21
CA VAL B 302 -14.26 6.76 -41.40
C VAL B 302 -14.23 7.21 -39.93
N ALA B 303 -13.05 7.51 -39.39
CA ALA B 303 -12.94 8.06 -38.02
C ALA B 303 -13.83 9.30 -37.88
N LYS B 304 -13.76 10.24 -38.79
CA LYS B 304 -14.53 11.49 -38.69
C LYS B 304 -16.05 11.22 -38.80
N THR B 305 -16.46 10.33 -39.68
CA THR B 305 -17.89 9.96 -39.83
C THR B 305 -18.38 9.38 -38.51
N MET B 306 -17.64 8.43 -37.94
CA MET B 306 -18.01 7.81 -36.64
C MET B 306 -18.10 8.90 -35.55
N MET B 307 -17.15 9.84 -35.51
CA MET B 307 -17.16 10.93 -34.51
C MET B 307 -18.46 11.75 -34.62
N ALA B 308 -18.80 12.22 -35.81
CA ALA B 308 -20.01 12.99 -36.07
C ALA B 308 -21.26 12.13 -35.79
N ASP B 309 -21.29 10.87 -36.20
CA ASP B 309 -22.47 9.99 -35.99
C ASP B 309 -22.72 9.74 -34.50
N LEU B 310 -21.66 9.55 -33.70
CA LEU B 310 -21.79 9.01 -32.33
C LEU B 310 -21.56 10.09 -31.27
N ASP B 311 -21.21 11.32 -31.68
CA ASP B 311 -20.81 12.41 -30.76
C ASP B 311 -19.67 11.89 -29.89
N LEU B 312 -18.63 11.42 -30.56
CA LEU B 312 -17.37 11.01 -29.92
C LEU B 312 -16.23 11.84 -30.53
N GLY B 313 -15.12 11.98 -29.80
CA GLY B 313 -13.89 12.55 -30.39
C GLY B 313 -12.87 11.47 -30.70
N MET B 314 -11.69 11.89 -31.17
CA MET B 314 -10.56 10.97 -31.29
C MET B 314 -10.12 10.53 -29.90
N TRP B 315 -10.32 11.40 -28.91
CA TRP B 315 -10.08 11.04 -27.49
C TRP B 315 -11.32 11.45 -26.68
N ASN B 316 -11.70 10.60 -25.73
CA ASN B 316 -12.96 10.74 -24.96
C ASN B 316 -12.62 10.59 -23.48
N PHE B 317 -12.66 11.71 -22.76
CA PHE B 317 -12.34 11.78 -21.33
C PHE B 317 -13.64 11.58 -20.56
N CYS B 318 -13.71 10.46 -19.87
CA CYS B 318 -14.88 10.08 -19.06
C CYS B 318 -14.49 10.04 -17.58
N GLY B 319 -15.12 10.90 -16.79
CA GLY B 319 -14.88 10.96 -15.34
C GLY B 319 -16.17 11.19 -14.59
N ALA B 320 -16.08 11.38 -13.29
CA ALA B 320 -17.28 11.68 -12.50
C ALA B 320 -16.89 12.53 -11.30
N LEU B 321 -17.84 13.34 -10.88
CA LEU B 321 -17.81 14.12 -9.64
C LEU B 321 -18.57 13.38 -8.56
N TYR B 322 -18.10 13.48 -7.33
CA TYR B 322 -18.69 12.73 -6.20
C TYR B 322 -18.74 13.71 -5.02
N GLY B 323 -19.83 13.68 -4.31
CA GLY B 323 -19.97 14.40 -3.04
C GLY B 323 -21.11 15.40 -3.06
N PRO B 324 -21.16 16.25 -2.02
CA PRO B 324 -22.17 17.28 -1.86
C PRO B 324 -22.14 18.18 -3.10
N PRO B 325 -23.30 18.63 -3.60
CA PRO B 325 -23.34 19.55 -4.74
C PRO B 325 -22.36 20.73 -4.71
N PRO B 326 -22.15 21.44 -3.59
CA PRO B 326 -21.19 22.55 -3.58
C PRO B 326 -19.77 22.06 -3.83
N VAL B 327 -19.44 20.87 -3.37
CA VAL B 327 -18.09 20.33 -3.68
C VAL B 327 -18.01 20.01 -5.19
N MET B 328 -18.99 19.30 -5.72
CA MET B 328 -18.99 18.92 -7.15
C MET B 328 -18.98 20.17 -8.05
N ASP B 329 -19.73 21.21 -7.72
CA ASP B 329 -19.71 22.49 -8.52
C ASP B 329 -18.29 23.08 -8.58
N THR B 330 -17.60 23.13 -7.45
CA THR B 330 -16.20 23.64 -7.37
C THR B 330 -15.27 22.80 -8.25
N LEU B 331 -15.36 21.47 -8.18
CA LEU B 331 -14.44 20.59 -8.93
C LEU B 331 -14.73 20.73 -10.41
N TRP B 332 -16.01 20.81 -10.79
CA TRP B 332 -16.42 20.91 -12.21
C TRP B 332 -15.86 22.21 -12.83
N THR B 333 -15.91 23.33 -12.10
CA THR B 333 -15.36 24.62 -12.57
C THR B 333 -13.88 24.40 -12.90
N ALA B 334 -13.13 23.70 -12.02
CA ALA B 334 -11.66 23.55 -12.19
C ALA B 334 -11.42 22.61 -13.37
N ILE B 335 -12.24 21.56 -13.55
CA ILE B 335 -12.01 20.59 -14.63
C ILE B 335 -12.38 21.26 -15.94
N ARG B 336 -13.59 21.82 -15.99
CA ARG B 336 -14.10 22.41 -17.24
C ARG B 336 -13.16 23.51 -17.73
N ASP B 337 -12.82 24.44 -16.83
CA ASP B 337 -11.87 25.55 -17.17
C ASP B 337 -10.54 25.01 -17.69
N SER B 338 -10.09 23.81 -17.31
CA SER B 338 -8.76 23.26 -17.72
C SER B 338 -8.78 22.89 -19.20
N PHE B 339 -9.96 22.61 -19.79
CA PHE B 339 -10.03 22.06 -21.16
C PHE B 339 -10.69 23.05 -22.12
N ALA B 340 -11.33 24.11 -21.62
CA ALA B 340 -12.37 24.88 -22.35
C ALA B 340 -11.73 25.60 -23.53
N ASP B 341 -10.41 25.82 -23.55
CA ASP B 341 -9.77 26.60 -24.64
C ASP B 341 -9.16 25.69 -25.71
N ILE B 342 -9.28 24.37 -25.62
CA ILE B 342 -8.74 23.50 -26.68
C ILE B 342 -9.71 23.55 -27.86
N PRO B 343 -9.25 23.91 -29.08
CA PRO B 343 -10.15 23.92 -30.23
C PRO B 343 -10.80 22.56 -30.44
N GLY B 344 -12.11 22.55 -30.62
CA GLY B 344 -12.88 21.34 -30.96
C GLY B 344 -13.40 20.60 -29.74
N VAL B 345 -13.08 21.07 -28.53
CA VAL B 345 -13.50 20.36 -27.27
C VAL B 345 -15.02 20.43 -27.15
N LYS B 346 -15.64 19.37 -26.62
CA LYS B 346 -17.09 19.35 -26.30
C LYS B 346 -17.25 18.71 -24.93
N PHE B 347 -18.17 19.26 -24.14
CA PHE B 347 -18.54 18.84 -22.77
C PHE B 347 -19.94 18.22 -22.76
N TYR B 348 -20.10 17.04 -22.13
CA TYR B 348 -21.43 16.41 -22.01
C TYR B 348 -21.68 15.93 -20.60
N PHE B 349 -22.89 16.18 -20.09
CA PHE B 349 -23.52 15.35 -19.03
C PHE B 349 -24.48 14.39 -19.72
N PRO B 350 -24.97 13.35 -19.01
CA PRO B 350 -25.79 12.34 -19.67
C PRO B 350 -27.00 12.97 -20.38
N GLU B 351 -27.59 14.02 -19.80
CA GLU B 351 -28.85 14.64 -20.31
C GLU B 351 -28.53 15.27 -21.67
N ASP B 352 -27.26 15.50 -21.98
CA ASP B 352 -26.82 16.15 -23.24
C ASP B 352 -26.62 15.09 -24.32
N ARG B 353 -26.75 13.79 -24.04
CA ARG B 353 -26.38 12.78 -25.05
C ARG B 353 -27.63 12.46 -25.87
N ARG B 354 -27.44 12.25 -27.16
CA ARG B 354 -28.53 12.03 -28.15
C ARG B 354 -28.97 10.57 -28.15
N HIS B 355 -28.06 9.62 -28.11
CA HIS B 355 -28.35 8.17 -28.31
C HIS B 355 -28.78 7.55 -26.99
N LYS B 356 -29.76 6.67 -27.04
CA LYS B 356 -30.29 5.87 -25.90
C LYS B 356 -29.22 4.86 -25.48
N VAL B 357 -28.55 4.23 -26.45
CA VAL B 357 -27.42 3.30 -26.24
C VAL B 357 -26.13 4.09 -26.57
N ASP B 358 -25.38 4.44 -25.54
CA ASP B 358 -24.35 5.51 -25.60
C ASP B 358 -23.20 5.22 -24.62
N LEU B 359 -21.97 5.57 -25.03
CA LEU B 359 -20.77 5.49 -24.15
C LEU B 359 -20.99 6.10 -22.76
N LEU B 360 -21.39 7.35 -22.67
CA LEU B 360 -21.45 8.02 -21.37
C LEU B 360 -22.51 7.38 -20.47
N LEU B 361 -23.66 7.00 -21.02
CA LEU B 361 -24.74 6.38 -20.20
C LEU B 361 -24.21 5.05 -19.66
N HIS B 362 -23.45 4.32 -20.48
CA HIS B 362 -22.82 3.04 -20.01
C HIS B 362 -21.78 3.32 -18.91
N ARG B 363 -20.82 4.23 -19.13
CA ARG B 363 -19.72 4.45 -18.17
C ARG B 363 -20.24 5.15 -16.92
N ALA B 364 -21.38 5.87 -17.00
CA ALA B 364 -22.02 6.43 -15.80
C ALA B 364 -22.32 5.31 -14.79
N GLU B 365 -22.72 4.13 -15.25
CA GLU B 365 -22.96 2.97 -14.33
C GLU B 365 -21.61 2.44 -13.79
N THR B 366 -20.64 2.26 -14.67
CA THR B 366 -19.29 1.78 -14.28
C THR B 366 -18.67 2.67 -13.20
N MET B 367 -18.79 4.00 -13.32
CA MET B 367 -18.10 4.94 -12.40
C MET B 367 -18.91 5.12 -11.11
N LYS B 368 -20.05 4.42 -10.97
CA LYS B 368 -20.67 4.29 -9.64
C LYS B 368 -20.65 2.83 -9.18
N GLY B 369 -19.79 2.01 -9.77
CA GLY B 369 -19.54 0.65 -9.25
C GLY B 369 -20.66 -0.34 -9.60
N VAL B 370 -21.36 -0.15 -10.72
CA VAL B 370 -22.42 -1.10 -11.17
C VAL B 370 -21.80 -2.11 -12.12
N PRO B 371 -21.73 -3.41 -11.73
CA PRO B 371 -21.14 -4.40 -12.61
C PRO B 371 -21.98 -4.65 -13.84
N LYS B 372 -21.33 -4.85 -14.97
CA LYS B 372 -21.99 -5.06 -16.29
C LYS B 372 -21.07 -5.91 -17.15
N LEU B 373 -21.53 -6.27 -18.35
CA LEU B 373 -20.70 -7.00 -19.33
C LEU B 373 -20.66 -6.25 -20.66
N THR B 374 -21.13 -5.01 -20.70
CA THR B 374 -21.27 -4.22 -21.96
C THR B 374 -19.93 -4.12 -22.71
N GLU B 375 -18.83 -3.95 -21.99
CA GLU B 375 -17.48 -3.82 -22.63
C GLU B 375 -17.14 -4.98 -23.58
N PHE B 376 -17.65 -6.18 -23.34
CA PHE B 376 -17.42 -7.35 -24.22
C PHE B 376 -17.77 -7.01 -25.69
N ASN B 377 -18.63 -6.02 -25.92
CA ASN B 377 -19.11 -5.63 -27.26
C ASN B 377 -17.96 -5.21 -28.18
N PHE B 378 -16.88 -4.63 -27.66
CA PHE B 378 -15.76 -4.20 -28.55
C PHE B 378 -15.12 -5.40 -29.23
N LEU B 379 -15.37 -6.61 -28.76
CA LEU B 379 -14.82 -7.82 -29.41
C LEU B 379 -15.52 -8.12 -30.75
N ASN B 380 -16.67 -7.50 -31.00
CA ASN B 380 -17.42 -7.65 -32.26
C ASN B 380 -17.00 -6.63 -33.31
N TRP B 381 -16.01 -5.78 -33.05
CA TRP B 381 -15.66 -4.66 -33.92
C TRP B 381 -15.46 -5.16 -35.36
N ASP B 382 -14.71 -6.24 -35.55
CA ASP B 382 -14.30 -6.79 -36.85
C ASP B 382 -14.99 -8.14 -37.10
N GLY B 383 -16.16 -8.38 -36.53
CA GLY B 383 -16.92 -9.60 -36.80
C GLY B 383 -16.89 -10.62 -35.66
N GLY B 384 -16.08 -10.43 -34.62
CA GLY B 384 -16.01 -11.40 -33.52
C GLY B 384 -14.63 -11.97 -33.35
N GLY B 385 -13.98 -11.59 -32.26
CA GLY B 385 -12.60 -12.02 -32.02
C GLY B 385 -12.30 -12.14 -30.54
N GLY B 386 -11.03 -12.42 -30.30
CA GLY B 386 -10.45 -12.32 -28.96
C GLY B 386 -9.73 -11.00 -28.81
N HIS B 387 -9.15 -10.78 -27.62
CA HIS B 387 -8.22 -9.66 -27.44
C HIS B 387 -7.07 -10.05 -26.51
N VAL B 388 -6.04 -9.26 -26.58
CA VAL B 388 -4.90 -9.33 -25.64
C VAL B 388 -4.62 -7.88 -25.21
N GLY B 389 -4.19 -7.70 -23.96
CA GLY B 389 -3.86 -6.37 -23.45
C GLY B 389 -2.36 -6.11 -23.44
N PHE B 390 -1.94 -5.08 -24.14
CA PHE B 390 -0.59 -4.53 -24.06
C PHE B 390 -0.69 -3.31 -23.17
N SER B 391 -0.09 -3.36 -21.96
CA SER B 391 -0.44 -2.43 -20.86
C SER B 391 0.77 -1.75 -20.22
N PRO B 392 1.52 -0.93 -20.99
CA PRO B 392 2.59 -0.12 -20.45
C PRO B 392 2.08 0.97 -19.52
N VAL B 393 2.97 1.40 -18.66
CA VAL B 393 2.79 2.52 -17.72
C VAL B 393 3.44 3.77 -18.30
N SER B 394 2.76 4.90 -18.16
CA SER B 394 3.28 6.23 -18.57
C SER B 394 3.22 7.20 -17.39
N PRO B 395 4.13 8.17 -17.30
CA PRO B 395 3.88 9.33 -16.49
C PRO B 395 2.62 10.06 -17.05
N ILE B 396 2.02 10.93 -16.24
CA ILE B 396 0.93 11.86 -16.67
C ILE B 396 1.58 13.08 -17.31
N THR B 397 2.19 12.84 -18.47
CA THR B 397 2.89 13.88 -19.24
C THR B 397 2.46 13.75 -20.71
N GLY B 398 2.18 14.87 -21.37
CA GLY B 398 1.74 14.85 -22.77
C GLY B 398 2.79 14.22 -23.67
N LYS B 399 4.05 14.58 -23.48
CA LYS B 399 5.15 14.02 -24.31
C LYS B 399 5.11 12.50 -24.31
N ASP B 400 4.98 11.88 -23.14
CA ASP B 400 4.97 10.40 -23.03
C ASP B 400 3.67 9.81 -23.61
N ALA B 401 2.50 10.39 -23.29
CA ALA B 401 1.19 9.85 -23.76
C ALA B 401 1.16 9.85 -25.30
N ILE B 402 1.51 10.95 -25.92
CA ILE B 402 1.49 11.00 -27.41
C ILE B 402 2.62 10.13 -28.00
N LYS B 403 3.78 10.02 -27.36
CA LYS B 403 4.82 9.06 -27.81
C LYS B 403 4.28 7.63 -27.80
N GLN B 404 3.68 7.18 -26.70
CA GLN B 404 3.16 5.80 -26.60
C GLN B 404 2.02 5.60 -27.61
N TYR B 405 1.14 6.59 -27.74
CA TYR B 405 0.03 6.57 -28.72
C TYR B 405 0.62 6.29 -30.11
N ASN B 406 1.57 7.12 -30.54
CA ASN B 406 2.20 7.01 -31.88
C ASN B 406 2.85 5.64 -32.05
N MET B 407 3.64 5.20 -31.09
CA MET B 407 4.42 3.95 -31.17
C MET B 407 3.50 2.75 -31.27
N VAL B 408 2.48 2.71 -30.41
CA VAL B 408 1.54 1.57 -30.33
C VAL B 408 0.57 1.60 -31.53
N SER B 409 -0.09 2.72 -31.82
CA SER B 409 -1.14 2.72 -32.86
C SER B 409 -0.46 2.47 -34.22
N SER B 410 0.70 3.06 -34.50
CA SER B 410 1.36 2.88 -35.81
C SER B 410 1.65 1.40 -36.02
N ARG B 411 2.15 0.70 -35.00
CA ARG B 411 2.46 -0.75 -35.11
C ARG B 411 1.19 -1.59 -35.21
N VAL B 412 0.19 -1.34 -34.36
CA VAL B 412 -1.05 -2.16 -34.36
C VAL B 412 -1.67 -2.06 -35.76
N ARG B 413 -1.74 -0.85 -36.31
CA ARG B 413 -2.36 -0.56 -37.63
C ARG B 413 -1.51 -1.17 -38.74
N GLU B 414 -0.19 -1.09 -38.63
CA GLU B 414 0.73 -1.75 -39.61
C GLU B 414 0.41 -3.24 -39.67
N TYR B 415 0.11 -3.91 -38.56
CA TYR B 415 -0.17 -5.37 -38.53
C TYR B 415 -1.63 -5.66 -38.82
N GLY B 416 -2.42 -4.65 -39.19
CA GLY B 416 -3.77 -4.83 -39.73
C GLY B 416 -4.90 -4.69 -38.73
N PHE B 417 -4.60 -4.24 -37.50
CA PHE B 417 -5.60 -4.12 -36.43
C PHE B 417 -5.92 -2.64 -36.24
N ASP B 418 -7.16 -2.36 -35.81
CA ASP B 418 -7.47 -0.99 -35.36
C ASP B 418 -6.81 -0.77 -33.99
N TYR B 419 -6.39 0.46 -33.77
CA TYR B 419 -5.94 0.91 -32.42
C TYR B 419 -7.13 1.18 -31.48
N MET B 420 -7.15 0.52 -30.33
CA MET B 420 -8.17 0.67 -29.27
C MET B 420 -7.43 0.88 -27.94
N GLY B 421 -7.25 2.14 -27.54
CA GLY B 421 -6.40 2.54 -26.39
C GLY B 421 -7.19 3.18 -25.26
N LEU B 422 -6.92 2.74 -24.04
CA LEU B 422 -7.41 3.32 -22.74
C LEU B 422 -6.20 3.96 -22.05
N LEU B 423 -6.29 5.20 -21.62
CA LEU B 423 -5.37 5.81 -20.63
C LEU B 423 -6.09 5.89 -19.29
N ALA B 424 -5.83 4.94 -18.38
CA ALA B 424 -6.55 4.90 -17.08
C ALA B 424 -5.73 5.77 -16.13
N ILE B 425 -6.35 6.78 -15.52
CA ILE B 425 -5.62 7.82 -14.73
C ILE B 425 -5.48 7.31 -13.32
N GLY B 426 -4.24 6.95 -12.93
CA GLY B 426 -3.98 6.53 -11.54
C GLY B 426 -3.56 7.74 -10.71
N TRP B 427 -3.00 7.52 -9.55
CA TRP B 427 -2.68 8.62 -8.62
C TRP B 427 -1.65 9.55 -9.30
N ARG B 428 -0.59 9.00 -9.87
CA ARG B 428 0.50 9.83 -10.45
C ARG B 428 0.91 9.26 -11.80
N ASP B 429 0.19 8.28 -12.30
CA ASP B 429 0.54 7.55 -13.55
C ASP B 429 -0.66 7.38 -14.49
N LEU B 430 -0.38 7.06 -15.74
CA LEU B 430 -1.36 6.45 -16.66
C LEU B 430 -1.04 4.96 -16.86
N HIS B 431 -2.01 4.07 -16.66
CA HIS B 431 -2.01 2.73 -17.32
C HIS B 431 -2.50 2.90 -18.75
N HIS B 432 -1.63 2.67 -19.72
CA HIS B 432 -1.95 2.71 -21.16
C HIS B 432 -2.26 1.28 -21.63
N VAL B 433 -3.54 0.95 -21.66
CA VAL B 433 -3.94 -0.44 -22.01
C VAL B 433 -4.44 -0.40 -23.44
N THR B 434 -3.72 -1.08 -24.34
CA THR B 434 -4.14 -1.25 -25.75
C THR B 434 -4.75 -2.64 -25.86
N VAL B 435 -6.03 -2.73 -26.23
CA VAL B 435 -6.72 -4.03 -26.40
C VAL B 435 -6.69 -4.29 -27.91
N ILE B 436 -6.04 -5.38 -28.28
CA ILE B 436 -5.85 -5.70 -29.71
C ILE B 436 -6.83 -6.82 -30.01
N VAL B 437 -7.83 -6.51 -30.85
CA VAL B 437 -8.90 -7.45 -31.22
C VAL B 437 -8.46 -8.16 -32.49
N TYR B 438 -8.58 -9.47 -32.46
CA TYR B 438 -8.04 -10.33 -33.54
C TYR B 438 -8.89 -11.59 -33.59
N ASP B 439 -8.86 -12.21 -34.75
CA ASP B 439 -9.51 -13.52 -34.98
C ASP B 439 -8.63 -14.62 -34.39
N LYS B 440 -8.98 -15.06 -33.19
CA LYS B 440 -8.21 -16.06 -32.40
C LYS B 440 -8.33 -17.46 -32.99
N THR B 441 -9.22 -17.69 -33.97
CA THR B 441 -9.42 -19.04 -34.63
C THR B 441 -8.49 -19.15 -35.83
N ASP B 442 -7.87 -18.04 -36.25
CA ASP B 442 -7.09 -17.94 -37.51
C ASP B 442 -5.60 -17.97 -37.17
N PRO B 443 -4.90 -19.07 -37.51
CA PRO B 443 -3.47 -19.19 -37.25
C PRO B 443 -2.65 -18.03 -37.83
N ASP B 444 -3.04 -17.48 -38.98
CA ASP B 444 -2.23 -16.40 -39.60
C ASP B 444 -2.40 -15.11 -38.78
N GLU B 445 -3.60 -14.86 -38.29
CA GLU B 445 -3.85 -13.66 -37.45
C GLU B 445 -3.11 -13.84 -36.12
N ARG B 446 -3.15 -15.03 -35.53
CA ARG B 446 -2.43 -15.31 -34.26
C ARG B 446 -0.94 -15.06 -34.46
N LYS B 447 -0.40 -15.48 -35.59
CA LYS B 447 1.04 -15.28 -35.90
C LYS B 447 1.36 -13.80 -35.94
N LYS B 448 0.56 -13.01 -36.65
CA LYS B 448 0.77 -11.56 -36.75
C LYS B 448 0.66 -10.93 -35.35
N LEU B 449 -0.36 -11.31 -34.61
CA LEU B 449 -0.61 -10.75 -33.24
C LEU B 449 0.64 -11.00 -32.36
N ASP B 450 1.16 -12.22 -32.34
CA ASP B 450 2.34 -12.61 -31.54
C ASP B 450 3.56 -11.79 -31.94
N GLU B 451 3.76 -11.64 -33.24
CA GLU B 451 4.91 -10.86 -33.73
C GLU B 451 4.75 -9.41 -33.31
N LEU B 452 3.54 -8.87 -33.47
CA LEU B 452 3.26 -7.46 -33.12
C LEU B 452 3.51 -7.25 -31.61
N PHE B 453 3.05 -8.18 -30.79
CA PHE B 453 3.10 -8.03 -29.31
C PHE B 453 4.56 -7.96 -28.86
N ASN B 454 5.42 -8.83 -29.40
CA ASN B 454 6.88 -8.85 -29.14
C ASN B 454 7.47 -7.52 -29.54
N ILE B 455 7.06 -6.94 -30.68
CA ILE B 455 7.57 -5.64 -31.12
C ILE B 455 7.14 -4.57 -30.10
N LEU B 456 5.87 -4.53 -29.71
CA LEU B 456 5.37 -3.47 -28.78
C LEU B 456 6.17 -3.54 -27.45
N VAL B 457 6.43 -4.73 -26.94
CA VAL B 457 7.15 -4.87 -25.64
C VAL B 457 8.58 -4.30 -25.81
N ASP B 458 9.25 -4.69 -26.90
CA ASP B 458 10.68 -4.37 -27.16
C ASP B 458 10.79 -2.86 -27.39
N GLU B 459 9.91 -2.27 -28.19
CA GLU B 459 9.97 -0.83 -28.48
C GLU B 459 9.66 -0.03 -27.23
N ALA B 460 8.70 -0.49 -26.42
CA ALA B 460 8.34 0.21 -25.16
C ALA B 460 9.56 0.17 -24.20
N ALA B 461 10.14 -1.00 -24.00
CA ALA B 461 11.33 -1.22 -23.12
C ALA B 461 12.50 -0.32 -23.59
N ALA B 462 12.71 -0.20 -24.91
CA ALA B 462 13.81 0.63 -25.47
C ALA B 462 13.51 2.09 -25.15
N GLU B 463 12.26 2.46 -24.86
CA GLU B 463 11.91 3.85 -24.48
C GLU B 463 11.77 3.96 -22.96
N GLY B 464 12.19 2.92 -22.21
CA GLY B 464 12.13 3.01 -20.75
C GLY B 464 10.69 2.81 -20.22
N TYR B 465 9.84 2.13 -20.97
CA TYR B 465 8.42 1.90 -20.55
C TYR B 465 8.19 0.41 -20.27
N GLY B 466 7.66 0.14 -19.08
CA GLY B 466 7.37 -1.24 -18.66
C GLY B 466 5.86 -1.48 -18.55
N GLU B 467 5.47 -2.74 -18.71
CA GLU B 467 4.05 -3.16 -18.58
C GLU B 467 3.75 -3.42 -17.10
N TYR B 468 2.53 -3.12 -16.66
CA TYR B 468 2.09 -3.33 -15.25
C TYR B 468 1.51 -4.75 -15.09
N ARG B 469 1.16 -5.38 -16.19
CA ARG B 469 0.36 -6.63 -16.21
C ARG B 469 0.47 -7.26 -17.60
N THR B 470 0.46 -8.57 -17.71
CA THR B 470 0.61 -9.19 -19.04
C THR B 470 -0.03 -10.56 -19.11
N HIS B 471 -0.09 -11.07 -20.34
CA HIS B 471 -0.62 -12.40 -20.71
C HIS B 471 0.43 -13.45 -20.32
N ILE B 472 -0.04 -14.63 -19.93
CA ILE B 472 0.80 -15.79 -19.53
C ILE B 472 1.90 -16.03 -20.58
N ARG B 473 1.62 -15.76 -21.86
CA ARG B 473 2.59 -16.05 -22.95
C ARG B 473 3.84 -15.18 -22.81
N TYR B 474 3.71 -14.00 -22.27
CA TYR B 474 4.77 -12.94 -22.25
C TYR B 474 5.28 -12.67 -20.83
N MET B 475 4.90 -13.46 -19.82
CA MET B 475 5.33 -13.14 -18.43
C MET B 475 6.87 -13.19 -18.28
N ASP B 476 7.56 -14.12 -18.94
CA ASP B 476 9.04 -14.18 -18.89
C ASP B 476 9.62 -12.96 -19.60
N ARG B 477 9.07 -12.66 -20.78
CA ARG B 477 9.56 -11.53 -21.60
C ARG B 477 9.46 -10.23 -20.78
N ILE B 478 8.33 -9.97 -20.10
CA ILE B 478 8.14 -8.74 -19.30
C ILE B 478 9.08 -8.75 -18.08
N ALA B 479 9.23 -9.86 -17.36
CA ALA B 479 10.20 -9.94 -16.23
C ALA B 479 11.59 -9.49 -16.72
N LYS B 480 11.97 -9.90 -17.93
CA LYS B 480 13.34 -9.67 -18.44
C LYS B 480 13.50 -8.20 -18.81
N THR B 481 12.42 -7.41 -18.90
CA THR B 481 12.53 -5.97 -19.17
C THR B 481 12.86 -5.22 -17.88
N TYR B 482 12.58 -5.80 -16.72
CA TYR B 482 12.82 -5.16 -15.40
C TYR B 482 14.19 -5.60 -14.90
N SER B 483 15.18 -5.31 -15.72
CA SER B 483 16.53 -5.95 -15.69
C SER B 483 17.56 -5.10 -14.97
N TRP B 484 17.18 -4.02 -14.27
CA TRP B 484 18.16 -3.13 -13.60
C TRP B 484 19.17 -3.98 -12.78
N ASN B 485 20.44 -3.64 -12.91
CA ASN B 485 21.54 -4.27 -12.12
C ASN B 485 21.53 -5.77 -12.40
N ASP B 486 21.61 -6.17 -13.68
CA ASP B 486 21.68 -7.58 -14.11
C ASP B 486 20.56 -8.43 -13.48
N ASN B 487 19.30 -7.98 -13.63
CA ASN B 487 18.10 -8.73 -13.18
C ASN B 487 18.15 -8.91 -11.66
N ALA B 488 18.60 -7.93 -10.93
CA ALA B 488 18.74 -8.02 -9.47
C ALA B 488 17.38 -8.28 -8.81
N LEU B 489 16.31 -7.58 -9.22
CA LEU B 489 15.03 -7.78 -8.50
C LEU B 489 14.53 -9.22 -8.69
N TRP B 490 14.62 -9.78 -9.90
CA TRP B 490 14.15 -11.17 -10.10
C TRP B 490 15.04 -12.18 -9.36
N LYS B 491 16.33 -11.91 -9.16
CA LYS B 491 17.16 -12.78 -8.30
C LYS B 491 16.59 -12.75 -6.89
N MET B 492 16.20 -11.59 -6.42
CA MET B 492 15.59 -11.57 -5.06
C MET B 492 14.24 -12.34 -5.08
N HIS B 493 13.38 -12.15 -6.07
CA HIS B 493 12.09 -12.89 -6.09
C HIS B 493 12.33 -14.41 -6.08
N GLU B 494 13.32 -14.88 -6.83
CA GLU B 494 13.70 -16.32 -6.91
C GLU B 494 14.25 -16.79 -5.56
N THR B 495 14.92 -15.93 -4.79
CA THR B 495 15.37 -16.28 -3.43
C THR B 495 14.16 -16.52 -2.55
N ILE B 496 13.19 -15.63 -2.63
CA ILE B 496 11.95 -15.74 -1.78
C ILE B 496 11.13 -16.94 -2.26
N LYS B 497 11.05 -17.14 -3.58
CA LYS B 497 10.35 -18.30 -4.18
C LYS B 497 10.90 -19.64 -3.63
N ASP B 498 12.23 -19.80 -3.62
CA ASP B 498 12.89 -21.05 -3.19
C ASP B 498 12.69 -21.24 -1.70
N ALA B 499 12.62 -20.18 -0.93
CA ALA B 499 12.40 -20.30 0.53
C ALA B 499 10.95 -20.67 0.83
N LEU B 500 9.96 -20.03 0.20
CA LEU B 500 8.53 -20.33 0.53
C LEU B 500 8.06 -21.60 -0.17
N ASP B 501 8.58 -21.88 -1.38
CA ASP B 501 8.11 -22.97 -2.27
C ASP B 501 9.32 -23.71 -2.82
N PRO B 502 10.05 -24.41 -1.94
CA PRO B 502 11.24 -25.15 -2.37
C PRO B 502 10.93 -26.20 -3.46
N ASN B 503 9.74 -26.79 -3.49
CA ASN B 503 9.40 -27.79 -4.53
C ASN B 503 8.86 -27.12 -5.80
N GLY B 504 8.67 -25.81 -5.80
CA GLY B 504 8.18 -25.10 -6.99
C GLY B 504 6.81 -25.56 -7.45
N ILE B 505 5.89 -25.85 -6.54
CA ILE B 505 4.57 -26.35 -6.96
C ILE B 505 3.53 -25.23 -7.13
N LEU B 506 3.83 -23.98 -6.81
CA LEU B 506 2.82 -22.92 -7.12
C LEU B 506 3.18 -22.19 -8.41
N ALA B 507 2.29 -22.26 -9.38
CA ALA B 507 2.20 -21.43 -10.61
C ALA B 507 3.59 -21.13 -11.21
N PRO B 508 4.36 -22.17 -11.58
CA PRO B 508 5.66 -21.95 -12.20
C PRO B 508 5.47 -21.05 -13.42
N GLY B 509 6.25 -19.96 -13.45
CA GLY B 509 6.25 -18.99 -14.55
C GLY B 509 5.40 -17.77 -14.26
N LYS B 510 4.56 -17.75 -13.23
CA LYS B 510 3.74 -16.55 -12.94
C LYS B 510 4.73 -15.38 -12.72
N SER B 511 4.52 -14.28 -13.40
CA SER B 511 5.39 -13.07 -13.37
C SER B 511 6.85 -13.41 -13.68
N GLY B 512 7.12 -14.48 -14.44
CA GLY B 512 8.51 -14.84 -14.79
C GLY B 512 9.27 -15.41 -13.62
N ILE B 513 8.56 -15.89 -12.59
CA ILE B 513 9.19 -16.54 -11.42
C ILE B 513 9.03 -18.07 -11.53
N TRP B 514 10.13 -18.82 -11.50
CA TRP B 514 10.15 -20.27 -11.79
C TRP B 514 10.49 -21.17 -10.59
N GLY B 515 11.42 -20.75 -9.77
CA GLY B 515 11.88 -21.64 -8.70
C GLY B 515 13.04 -22.53 -9.19
N LYS B 516 13.89 -22.96 -8.28
CA LYS B 516 15.19 -23.60 -8.59
C LYS B 516 15.00 -24.85 -9.45
N ASN B 517 13.94 -25.63 -9.27
CA ASN B 517 13.81 -26.88 -10.05
C ASN B 517 13.64 -26.58 -11.55
N ARG B 518 13.09 -25.43 -11.93
CA ARG B 518 12.76 -25.17 -13.37
C ARG B 518 13.51 -23.96 -13.95
N ARG B 519 14.40 -23.31 -13.22
CA ARG B 519 15.15 -22.13 -13.76
C ARG B 519 16.19 -22.60 -14.79
PA FAD C . 14.98 5.94 12.44
O1A FAD C . 15.37 5.93 13.89
O2A FAD C . 16.10 6.23 11.49
O5B FAD C . 14.31 4.54 11.99
C5B FAD C . 13.39 3.85 12.85
C4B FAD C . 13.67 2.36 12.74
O4B FAD C . 13.29 1.88 11.43
C3B FAD C . 15.13 1.90 12.91
O3B FAD C . 15.39 1.65 14.28
C2B FAD C . 15.14 0.61 12.09
O2B FAD C . 14.59 -0.47 12.80
C1B FAD C . 14.25 0.98 10.92
N9A FAD C . 14.98 1.63 9.81
C8A FAD C . 15.09 2.96 9.63
N7A FAD C . 15.74 3.29 8.53
C5A FAD C . 16.01 2.07 7.92
C6A FAD C . 16.61 1.77 6.69
N6A FAD C . 17.05 2.71 5.86
N1A FAD C . 16.69 0.47 6.34
C2A FAD C . 16.22 -0.45 7.21
N3A FAD C . 15.61 -0.28 8.39
C4A FAD C . 15.52 1.03 8.69
N1 FAD C . 6.50 9.17 15.68
C2 FAD C . 5.59 9.38 14.70
O2 FAD C . 5.49 8.56 13.76
N3 FAD C . 4.72 10.47 14.73
C4 FAD C . 4.79 11.44 15.73
O4 FAD C . 4.01 12.41 15.70
C4X FAD C . 5.72 11.22 16.78
N5 FAD C . 5.83 12.13 17.75
C5X FAD C . 6.72 11.88 18.77
C6 FAD C . 6.77 12.78 19.86
C7 FAD C . 7.62 12.58 20.94
C7M FAD C . 7.69 13.60 22.06
C8 FAD C . 8.44 11.44 20.97
C8M FAD C . 9.27 11.15 22.21
C9 FAD C . 8.42 10.54 19.88
C9A FAD C . 7.57 10.74 18.77
N10 FAD C . 7.52 9.86 17.67
C10 FAD C . 6.57 10.06 16.66
C1' FAD C . 8.38 8.66 17.62
C2' FAD C . 9.75 8.87 16.98
O2' FAD C . 10.54 9.73 17.78
C3' FAD C . 9.69 9.43 15.54
O3' FAD C . 8.81 8.58 14.77
C4' FAD C . 11.04 9.56 14.81
O4' FAD C . 10.86 10.29 13.60
C5' FAD C . 11.64 8.23 14.39
O5' FAD C . 13.10 8.35 14.19
P FAD C . 13.69 8.56 12.74
O1P FAD C . 12.75 9.27 11.84
O2P FAD C . 15.09 9.12 12.90
O3P FAD C . 13.80 7.03 12.22
N NO3 D . 6.59 23.98 29.32
O1 NO3 D . 7.22 24.42 30.31
O2 NO3 D . 6.42 24.66 28.32
O3 NO3 D . 6.12 22.86 29.34
N NO3 E . -4.66 9.61 7.45
O1 NO3 E . -4.44 8.42 7.70
O2 NO3 E . -5.81 10.07 7.48
O3 NO3 E . -3.72 10.35 7.16
C1 PEG F . -11.70 13.27 35.95
O1 PEG F . -12.80 13.09 36.86
C2 PEG F . -11.45 14.71 35.57
O2 PEG F . -12.60 15.31 34.95
C3 PEG F . -12.55 16.74 34.93
C4 PEG F . -13.72 17.32 34.21
O4 PEG F . -14.92 17.33 34.99
OH2 1PE G . 14.29 14.82 28.29
C12 1PE G . 15.53 14.14 28.66
C22 1PE G . 15.42 13.12 29.79
OH3 1PE G . 15.59 13.73 31.09
C13 1PE G . 17.34 14.70 32.54
C23 1PE G . 16.83 13.48 31.74
OH4 1PE G . 18.76 14.81 32.37
C14 1PE G . 20.40 16.47 31.73
C24 1PE G . 19.33 16.07 32.74
OH5 1PE G . 20.53 17.89 31.59
C15 1PE G . 19.62 20.05 30.91
C25 1PE G . 19.41 18.55 31.05
OH6 1PE G . 19.22 20.72 32.10
C16 1PE G . 18.06 22.46 33.30
C26 1PE G . 18.30 21.80 31.95
OH7 1PE G . 17.40 21.59 34.28
O1 PE4 H . 20.36 9.59 17.46
C1 PE4 H . 21.33 8.87 16.70
C2 PE4 H . 22.74 9.33 16.94
O2 PE4 H . 23.04 10.39 16.05
C3 PE4 H . 23.68 9.98 14.84
C4 PE4 H . 24.04 11.19 13.99
O3 PE4 H . 23.00 12.20 14.05
C5 PE4 H . 23.18 13.26 13.10
C6 PE4 H . 21.98 14.21 13.06
O4 PE4 H . 21.57 14.52 14.40
C7 PE4 H . 20.61 15.56 14.53
C8 PE4 H . 20.28 15.77 16.04
O5 PE4 H . 19.75 14.57 16.62
C9 PE4 H . 19.86 14.47 18.05
C10 PE4 H . 19.68 13.00 18.53
O6 PE4 H . 20.90 12.40 18.98
C11 PE4 H . 20.82 11.58 20.17
C12 PE4 H . 20.58 12.47 21.42
O7 PE4 H . 20.04 11.81 22.58
C13 PE4 H . 19.31 12.69 23.47
C14 PE4 H . 17.83 12.93 23.04
O8 PE4 H . 17.30 14.14 23.62
C15 PE4 H . 15.92 14.46 23.39
C16 PE4 H . 15.28 15.35 24.42
N NO3 I . 2.84 -0.30 42.00
O1 NO3 I . 3.19 0.89 42.00
O2 NO3 I . 3.66 -1.20 42.21
O3 NO3 I . 1.66 -0.60 41.80
C1 PEG J . 7.33 -16.63 17.68
O1 PEG J . 7.09 -17.29 18.95
C2 PEG J . 7.58 -15.15 17.83
O2 PEG J . 8.68 -14.95 18.74
C3 PEG J . 9.46 -13.75 18.59
C4 PEG J . 10.90 -13.98 19.08
O4 PEG J . 11.06 -14.63 20.37
C1 EOL K . 4.25 9.38 19.47
O1 EOL K . 4.15 6.26 17.55
C2 EOL K . 3.32 10.16 18.80
O2 EOL K . 5.41 7.20 19.60
C3 EOL K . 4.56 8.09 19.03
C4 EOL K . 2.72 9.63 17.67
C5 EOL K . 3.92 7.57 17.89
C6 EOL K . 2.99 8.35 17.22
C7 EOL K . 3.02 11.59 19.22
C8 EOL K . 2.78 11.80 20.65
C9 EOL K . 2.71 12.97 21.22
C10 EOL K . 5.90 7.45 20.90
N NO3 L . -9.12 5.48 1.43
O1 NO3 L . -9.97 5.68 2.31
O2 NO3 L . -7.99 5.09 1.75
O3 NO3 L . -9.39 5.71 0.23
N NO3 M . -16.15 -12.09 10.08
O1 NO3 M . -15.08 -12.70 10.03
O2 NO3 M . -17.19 -12.64 9.72
O3 NO3 M . -16.19 -10.94 10.54
PA FAD N . -8.40 -14.40 -11.77
O1A FAD N . -8.31 -14.89 -13.18
O2A FAD N . -9.05 -15.32 -10.77
O5B FAD N . -6.96 -14.04 -11.16
C5B FAD N . -5.94 -13.41 -12.00
C4B FAD N . -4.57 -14.02 -11.71
O4B FAD N . -4.18 -13.63 -10.38
C3B FAD N . -4.50 -15.55 -11.72
O3B FAD N . -4.23 -16.05 -13.04
C2B FAD N . -3.37 -15.84 -10.74
O2B FAD N . -2.11 -15.63 -11.35
C1B FAD N . -3.60 -14.75 -9.70
N9A FAD N . -4.52 -15.15 -8.63
C8A FAD N . -5.87 -14.91 -8.63
N7A FAD N . -6.45 -15.33 -7.51
C5A FAD N . -5.41 -15.83 -6.74
C6A FAD N . -5.39 -16.37 -5.44
N6A FAD N . -6.50 -16.47 -4.71
N1A FAD N . -4.19 -16.76 -4.93
C2A FAD N . -3.11 -16.63 -5.72
N3A FAD N . -3.01 -16.10 -6.94
C4A FAD N . -4.20 -15.70 -7.40
N1 FAD N . -9.15 -5.84 -16.05
C2 FAD N . -9.16 -4.76 -15.23
O2 FAD N . -8.45 -4.71 -14.19
N3 FAD N . -10.02 -3.71 -15.45
C4 FAD N . -10.86 -3.69 -16.54
O4 FAD N . -11.58 -2.72 -16.70
C4X FAD N . -10.83 -4.76 -17.47
N5 FAD N . -11.65 -4.76 -18.52
C5X FAD N . -11.52 -5.80 -19.42
C6 FAD N . -12.30 -5.80 -20.61
C7 FAD N . -12.22 -6.80 -21.54
C7M FAD N . -13.14 -6.79 -22.74
C8 FAD N . -11.26 -7.82 -21.38
C8M FAD N . -11.07 -8.90 -22.44
C9 FAD N . -10.51 -7.87 -20.20
C9A FAD N . -10.60 -6.87 -19.21
N10 FAD N . -9.84 -6.87 -18.03
C10 FAD N . -9.91 -5.82 -17.13
C1' FAD N . -8.90 -7.96 -17.71
C2' FAD N . -9.53 -9.12 -16.91
O2' FAD N . -10.56 -9.73 -17.67
C3' FAD N . -10.13 -8.75 -15.55
O3' FAD N . -9.12 -8.13 -14.77
C4' FAD N . -10.69 -9.92 -14.74
O4' FAD N . -11.49 -9.43 -13.65
C5' FAD N . -9.60 -10.82 -14.18
O5' FAD N . -10.12 -12.15 -13.90
P FAD N . -10.57 -12.54 -12.42
O1P FAD N . -11.10 -11.32 -11.73
O2P FAD N . -11.42 -13.80 -12.56
O3P FAD N . -9.16 -12.99 -11.76
N NO3 O . -16.01 -34.25 0.80
O1 NO3 O . -16.01 -35.49 0.63
O2 NO3 O . -16.38 -33.49 -0.10
O3 NO3 O . -15.63 -33.78 1.86
N NO3 P . 5.45 -27.83 8.23
O1 NO3 P . 5.23 -28.23 7.08
O2 NO3 P . 4.65 -28.06 9.14
O3 NO3 P . 6.50 -27.23 8.50
N NO3 Q . -25.50 3.98 -39.15
O1 NO3 Q . -24.76 4.93 -39.12
O2 NO3 Q . -26.65 4.07 -38.71
O3 NO3 Q . -25.09 2.93 -39.64
C1 PEG R . 15.66 -12.96 -15.15
O1 PEG R . 16.31 -13.33 -16.40
C2 PEG R . 14.15 -12.96 -15.23
O2 PEG R . 13.75 -13.91 -16.22
C3 PEG R . 12.45 -14.51 -16.09
C4 PEG R . 12.56 -16.04 -16.19
O4 PEG R . 13.01 -16.58 -17.45
OH2 1PE S . -16.45 -18.37 -18.69
C12 1PE S . -16.60 -16.96 -18.46
C22 1PE S . -18.02 -16.51 -18.29
OH3 1PE S . -18.29 -16.14 -16.93
C13 1PE S . -19.28 -16.70 -14.82
C23 1PE S . -19.22 -17.01 -16.28
OH4 1PE S . -19.40 -17.89 -14.04
C14 1PE S . -17.74 -19.40 -13.06
C24 1PE S . -18.42 -18.90 -14.30
OH5 1PE S . -17.16 -20.68 -13.36
C15 1PE S . -15.06 -21.49 -14.43
C25 1PE S . -15.73 -20.74 -13.28
OH6 1PE S . -13.72 -21.02 -14.58
C16 1PE S . -13.35 -19.66 -16.47
C26 1PE S . -13.24 -21.02 -15.91
OH7 1PE S . -12.25 -19.32 -17.30
C1 EOL T . -8.37 -4.10 -20.00
O1 EOL T . -5.58 -4.40 -17.69
C2 EOL T . -8.95 -2.92 -19.55
O2 EOL T . -6.53 -5.73 -19.74
C3 EOL T . -7.23 -4.60 -19.39
C4 EOL T . -8.41 -2.29 -18.46
C5 EOL T . -6.71 -3.93 -18.27
C6 EOL T . -7.30 -2.78 -17.79
C7 EOL T . -10.20 -2.37 -20.21
C8 EOL T . -10.24 -2.32 -21.65
C9 EOL T . -11.25 -1.84 -22.30
C10 EOL T . -6.85 -6.46 -20.89
#